data_7SO6
#
_entry.id   7SO6
#
_cell.length_a   161.740
_cell.length_b   74.170
_cell.length_c   108.600
_cell.angle_alpha   90.000
_cell.angle_beta   99.369
_cell.angle_gamma   90.000
#
_symmetry.space_group_name_H-M   'C 1 2 1'
#
loop_
_entity.id
_entity.type
_entity.pdbx_description
1 polymer 'Reverse transcriptase/ribonuclease H'
2 polymer 'p51 RT'
3 non-polymer 5-{2-[2-(2,4-dioxo-3,4-dihydropyrimidin-1(2H)-yl)ethoxy]phenoxy}-7-fluoronaphthalene-2-carbonitrile
4 non-polymer 'MAGNESIUM ION'
5 water water
#
loop_
_entity_poly.entity_id
_entity_poly.type
_entity_poly.pdbx_seq_one_letter_code
_entity_poly.pdbx_strand_id
1 'polypeptide(L)'
;MVPISPIETVPVKLKPGMDGPKVKQWPLTEEKIKALVEICTEMEKEGKISKIGPENPYNTPVFAIKKKDSTKWRKLVDFR
ELNKRTQDFWEVQLGIPHPAGLKKNKSVTVLDVGDAYFSVPLDEDFRKYTAFTIPSINNETPGIRYQYNVLPQGWKGSPA
IFQSSMTKILEPFAAQNPDIVICQYMDDLYVGSDLEIGQHRTKIEELRQHLLRWGLTTPDKKHQKEPPFLWMGYELHPDK
WTVQPIVLPEKDSWTVNDIQKLVGKLNWASQIYPGIKVRQLSKLLRGTKALTEVIPLTEEAELELAENREILKEPVHGVY
YDPSKDLIAEIQKQGQGQWTYQIYQEPFKNLKTGKYARMRGAHTNDVKQLTEAVQKITTESIVIWGKTPKFKLPIQKETW
ETWWTEYWQATWIPEWEFVNTPPLVKLWYQLEKEPIVGAETFYVDGAANRETKLGKAGYVTNKGRQKVVPLTNTTNQKTE
LQAIYLALQDSGLEVNIVTDSQYALGIIQAQPDKSESELVNQIIEQLIKKEKVYLAWVPAHKGIGGNEQVDKLVSAG
;
A
2 'polypeptide(L)'
;PISPIETVPVKLKPGMDGPKVKQWPLTEEKIKALVEICTEMEKEGKISKIGPENPYNTPVFAIKKKDSTKWRKLVDFREL
NKRTQDFWEVQLGIPHPAGLKKKKSVTVLDVGDAYFSVPLDEDFRKYTAFTIPSINNETPGIRYQYNVLPQGWKGSPAIF
QSSMTKILEPFKKQNPDIVIYQYMDDLYVGSDLEIGQHRTKIEELRQHLLRWGLTTPDKKHQKEPPFLWMGYELHPDKWT
VQPIVLPEKDSWTVNDIQKLVGKLNWASQIYPGIKVRQLSKLLRGTKALTEVIPLTEEAELELAENREILKEPVHGVYYD
PSKDLIAEIQKQGQGQWTYQIYQEPFKNLKTGKYARMRGAHTNDVKQLTEAVQKITTESIVIWGKTPKFKLPIQKETWET
WWTEYWQATWIPEWEFVNTPPLVKLWYQ
;
B
#
loop_
_chem_comp.id
_chem_comp.type
_chem_comp.name
_chem_comp.formula
M9A non-polymer 5-{2-[2-(2,4-dioxo-3,4-dihydropyrimidin-1(2H)-yl)ethoxy]phenoxy}-7-fluoronaphthalene-2-carbonitrile 'C23 H16 F N3 O4'
MG non-polymer 'MAGNESIUM ION' 'Mg 2'
#
# COMPACT_ATOMS: atom_id res chain seq x y z
N MET A 1 -48.59 -30.17 -1.69
CA MET A 1 -47.18 -29.81 -1.74
C MET A 1 -46.94 -28.39 -1.24
N VAL A 2 -46.09 -28.26 -0.22
CA VAL A 2 -45.66 -26.95 0.24
C VAL A 2 -44.73 -26.36 -0.81
N PRO A 3 -45.11 -25.22 -1.41
CA PRO A 3 -44.35 -24.63 -2.51
C PRO A 3 -42.98 -24.14 -2.07
N ILE A 4 -41.96 -24.48 -2.85
CA ILE A 4 -40.59 -24.08 -2.57
C ILE A 4 -40.37 -22.63 -2.95
N SER A 5 -39.75 -21.86 -2.06
CA SER A 5 -39.45 -20.46 -2.33
C SER A 5 -38.51 -20.35 -3.53
N PRO A 6 -38.91 -19.53 -4.53
CA PRO A 6 -38.18 -19.41 -5.79
C PRO A 6 -36.82 -18.72 -5.65
N ILE A 7 -35.80 -19.28 -6.30
CA ILE A 7 -34.47 -18.67 -6.32
C ILE A 7 -34.29 -17.86 -7.60
N GLU A 8 -34.18 -16.55 -7.46
CA GLU A 8 -34.02 -15.67 -8.61
C GLU A 8 -32.64 -15.82 -9.24
N THR A 9 -32.62 -16.09 -10.54
CA THR A 9 -31.37 -16.36 -11.25
C THR A 9 -30.51 -15.11 -11.41
N VAL A 10 -29.21 -15.31 -11.61
CA VAL A 10 -28.28 -14.22 -11.87
C VAL A 10 -28.01 -14.13 -13.35
N PRO A 11 -28.30 -12.97 -13.96
CA PRO A 11 -28.05 -12.77 -15.40
C PRO A 11 -26.58 -12.96 -15.77
N VAL A 12 -26.33 -13.76 -16.79
CA VAL A 12 -24.96 -14.08 -17.19
C VAL A 12 -24.76 -13.85 -18.69
N LYS A 13 -23.66 -13.19 -19.04
CA LYS A 13 -23.32 -12.93 -20.44
C LYS A 13 -21.95 -13.51 -20.76
N LEU A 14 -21.65 -13.65 -22.04
CA LEU A 14 -20.31 -14.02 -22.46
C LEU A 14 -19.44 -12.78 -22.50
N LYS A 15 -18.17 -12.95 -22.85
CA LYS A 15 -17.28 -11.82 -23.06
C LYS A 15 -17.65 -11.14 -24.37
N PRO A 16 -17.49 -9.81 -24.44
CA PRO A 16 -17.97 -9.05 -25.60
C PRO A 16 -17.25 -9.43 -26.90
N GLY A 17 -18.04 -9.67 -27.95
CA GLY A 17 -17.51 -10.03 -29.25
C GLY A 17 -17.34 -11.52 -29.43
N MET A 18 -17.22 -12.23 -28.30
CA MET A 18 -17.10 -13.69 -28.32
C MET A 18 -18.45 -14.36 -28.50
N ASP A 19 -18.43 -15.58 -29.04
CA ASP A 19 -19.64 -16.39 -29.14
C ASP A 19 -19.48 -17.62 -28.25
N GLY A 20 -20.51 -18.45 -28.21
CA GLY A 20 -20.47 -19.66 -27.39
C GLY A 20 -19.51 -20.69 -27.95
N PRO A 21 -19.06 -21.62 -27.09
CA PRO A 21 -18.09 -22.64 -27.49
C PRO A 21 -18.68 -23.69 -28.44
N LYS A 22 -17.92 -24.08 -29.45
CA LYS A 22 -18.29 -25.19 -30.32
C LYS A 22 -17.12 -26.17 -30.43
N VAL A 23 -17.32 -27.38 -29.92
CA VAL A 23 -16.26 -28.39 -29.91
C VAL A 23 -16.83 -29.76 -30.30
N LYS A 24 -16.12 -30.46 -31.18
CA LYS A 24 -16.55 -31.79 -31.61
C LYS A 24 -16.54 -32.77 -30.45
N GLN A 25 -17.53 -33.67 -30.43
CA GLN A 25 -17.65 -34.65 -29.36
C GLN A 25 -16.65 -35.80 -29.54
N TRP A 26 -16.01 -36.19 -28.45
CA TRP A 26 -14.99 -37.24 -28.48
C TRP A 26 -15.59 -38.64 -28.58
N PRO A 27 -14.94 -39.54 -29.34
CA PRO A 27 -15.37 -40.94 -29.43
C PRO A 27 -15.29 -41.66 -28.09
N LEU A 28 -16.35 -42.35 -27.71
CA LEU A 28 -16.41 -43.03 -26.42
C LEU A 28 -16.78 -44.50 -26.57
N THR A 29 -16.38 -45.31 -25.60
CA THR A 29 -16.72 -46.73 -25.58
C THR A 29 -18.21 -46.91 -25.29
N GLU A 30 -18.71 -48.12 -25.53
CA GLU A 30 -20.13 -48.40 -25.39
C GLU A 30 -20.60 -48.33 -23.94
N GLU A 31 -19.76 -48.83 -23.03
CA GLU A 31 -20.04 -48.80 -21.60
C GLU A 31 -20.20 -47.37 -21.10
N LYS A 32 -19.25 -46.52 -21.48
CA LYS A 32 -19.30 -45.09 -21.15
C LYS A 32 -20.60 -44.48 -21.64
N ILE A 33 -20.96 -44.77 -22.90
CA ILE A 33 -22.18 -44.24 -23.49
C ILE A 33 -23.42 -44.67 -22.71
N LYS A 34 -23.49 -45.95 -22.35
CA LYS A 34 -24.62 -46.46 -21.57
C LYS A 34 -24.72 -45.76 -20.21
N ALA A 35 -23.58 -45.68 -19.52
CA ALA A 35 -23.53 -45.04 -18.20
C ALA A 35 -24.00 -43.60 -18.27
N LEU A 36 -23.49 -42.86 -19.26
CA LEU A 36 -23.86 -41.47 -19.45
C LEU A 36 -25.34 -41.33 -19.80
N VAL A 37 -25.86 -42.28 -20.57
CA VAL A 37 -27.28 -42.28 -20.92
C VAL A 37 -28.14 -42.43 -19.67
N GLU A 38 -27.76 -43.38 -18.81
CA GLU A 38 -28.49 -43.61 -17.56
C GLU A 38 -28.43 -42.40 -16.63
N ILE A 39 -27.21 -41.90 -16.41
CA ILE A 39 -27.00 -40.73 -15.56
C ILE A 39 -27.79 -39.52 -16.04
N CYS A 40 -27.67 -39.21 -17.32
CA CYS A 40 -28.39 -38.09 -17.91
C CYS A 40 -29.90 -38.31 -17.86
N THR A 41 -30.31 -39.58 -17.90
CA THR A 41 -31.71 -39.93 -17.81
C THR A 41 -32.27 -39.60 -16.43
N GLU A 42 -31.58 -40.05 -15.37
CA GLU A 42 -32.07 -39.78 -14.02
C GLU A 42 -31.93 -38.30 -13.67
N MET A 43 -30.91 -37.65 -14.22
CA MET A 43 -30.73 -36.21 -14.03
C MET A 43 -31.87 -35.44 -14.69
N GLU A 44 -32.28 -35.92 -15.87
CA GLU A 44 -33.42 -35.31 -16.57
C GLU A 44 -34.70 -35.57 -15.78
N LYS A 45 -34.77 -36.72 -15.13
CA LYS A 45 -35.90 -37.04 -14.27
C LYS A 45 -35.98 -36.11 -13.07
N GLU A 46 -34.82 -35.74 -12.53
CA GLU A 46 -34.76 -34.87 -11.36
C GLU A 46 -35.00 -33.41 -11.73
N GLY A 47 -34.69 -33.05 -12.98
CA GLY A 47 -34.92 -31.70 -13.48
C GLY A 47 -33.70 -30.82 -13.50
N LYS A 48 -32.51 -31.44 -13.44
CA LYS A 48 -31.26 -30.69 -13.46
C LYS A 48 -30.85 -30.30 -14.87
N ILE A 49 -31.27 -31.10 -15.84
CA ILE A 49 -30.99 -30.82 -17.26
C ILE A 49 -32.22 -31.02 -18.11
N SER A 50 -32.14 -30.64 -19.39
CA SER A 50 -33.24 -30.82 -20.32
C SER A 50 -32.73 -31.21 -21.71
N LYS A 51 -33.59 -31.89 -22.47
CA LYS A 51 -33.25 -32.34 -23.82
C LYS A 51 -33.53 -31.23 -24.85
N ILE A 52 -32.57 -31.02 -25.75
CA ILE A 52 -32.71 -29.99 -26.77
C ILE A 52 -32.56 -30.55 -28.18
N GLY A 53 -32.80 -29.69 -29.18
CA GLY A 53 -32.74 -30.10 -30.57
C GLY A 53 -31.52 -29.59 -31.31
N PRO A 54 -31.55 -29.70 -32.65
CA PRO A 54 -30.49 -29.26 -33.58
C PRO A 54 -30.31 -27.75 -33.63
N GLU A 55 -31.28 -27.00 -33.11
CA GLU A 55 -31.26 -25.54 -33.18
C GLU A 55 -30.11 -24.92 -32.37
N ASN A 56 -29.44 -25.74 -31.58
CA ASN A 56 -28.33 -25.26 -30.76
C ASN A 56 -26.98 -25.67 -31.37
N PRO A 57 -26.26 -24.71 -31.95
CA PRO A 57 -24.95 -24.93 -32.59
C PRO A 57 -23.82 -25.25 -31.61
N TYR A 58 -24.01 -24.91 -30.34
CA TYR A 58 -22.95 -25.03 -29.34
C TYR A 58 -22.85 -26.45 -28.78
N ASN A 59 -21.63 -26.93 -28.64
CA ASN A 59 -21.40 -28.29 -28.13
C ASN A 59 -20.24 -28.35 -27.13
N THR A 60 -20.52 -28.93 -25.97
CA THR A 60 -19.53 -29.08 -24.92
C THR A 60 -19.10 -30.55 -24.78
N PRO A 61 -17.79 -30.83 -24.90
CA PRO A 61 -17.29 -32.21 -24.81
C PRO A 61 -17.63 -32.88 -23.47
N VAL A 62 -17.75 -34.20 -23.48
CA VAL A 62 -18.14 -34.93 -22.28
C VAL A 62 -17.40 -36.28 -22.21
N PHE A 63 -17.05 -36.68 -20.99
CA PHE A 63 -16.40 -37.97 -20.76
C PHE A 63 -17.08 -38.71 -19.62
N ALA A 64 -16.67 -39.96 -19.40
CA ALA A 64 -17.23 -40.76 -18.32
C ALA A 64 -16.13 -41.46 -17.54
N ILE A 65 -16.09 -41.24 -16.23
CA ILE A 65 -15.08 -41.87 -15.39
C ILE A 65 -15.71 -42.58 -14.20
N TRP A 73 -21.46 -44.79 -13.31
CA TRP A 73 -20.21 -44.05 -13.26
C TRP A 73 -20.43 -42.59 -12.88
N ARG A 74 -19.53 -41.73 -13.35
CA ARG A 74 -19.66 -40.30 -13.15
C ARG A 74 -19.39 -39.52 -14.43
N LYS A 75 -20.30 -38.61 -14.75
CA LYS A 75 -20.19 -37.76 -15.94
C LYS A 75 -19.18 -36.64 -15.71
N LEU A 76 -18.40 -36.34 -16.74
CA LEU A 76 -17.42 -35.26 -16.67
C LEU A 76 -17.55 -34.32 -17.87
N VAL A 77 -18.20 -33.18 -17.67
CA VAL A 77 -18.35 -32.20 -18.74
C VAL A 77 -17.24 -31.14 -18.66
N ASP A 78 -16.52 -30.96 -19.76
CA ASP A 78 -15.39 -30.04 -19.79
C ASP A 78 -15.78 -28.68 -20.37
N PHE A 79 -16.00 -27.71 -19.49
CA PHE A 79 -16.44 -26.38 -19.91
C PHE A 79 -15.32 -25.37 -20.10
N ARG A 80 -14.08 -25.86 -20.23
CA ARG A 80 -12.92 -24.98 -20.30
C ARG A 80 -13.03 -23.91 -21.40
N GLU A 81 -13.58 -24.30 -22.54
CA GLU A 81 -13.80 -23.35 -23.63
C GLU A 81 -14.89 -22.36 -23.24
N LEU A 82 -16.00 -22.88 -22.73
CA LEU A 82 -17.08 -22.04 -22.21
C LEU A 82 -16.57 -21.11 -21.13
N ASN A 83 -15.70 -21.64 -20.26
CA ASN A 83 -15.07 -20.84 -19.22
C ASN A 83 -14.22 -19.71 -19.80
N LYS A 84 -13.52 -20.01 -20.90
CA LYS A 84 -12.73 -19.00 -21.60
C LYS A 84 -13.62 -17.95 -22.25
N ARG A 85 -14.84 -18.35 -22.61
CA ARG A 85 -15.74 -17.44 -23.32
C ARG A 85 -16.80 -16.82 -22.42
N THR A 86 -16.94 -17.34 -21.21
CA THR A 86 -17.87 -16.77 -20.23
C THR A 86 -17.26 -15.51 -19.63
N GLN A 87 -18.09 -14.64 -19.07
CA GLN A 87 -17.62 -13.35 -18.54
C GLN A 87 -16.83 -13.51 -17.25
N ASP A 88 -16.38 -12.39 -16.70
CA ASP A 88 -15.66 -12.36 -15.44
C ASP A 88 -16.63 -12.25 -14.27
N PHE A 89 -16.31 -12.94 -13.17
CA PHE A 89 -17.14 -12.91 -11.97
C PHE A 89 -16.37 -12.38 -10.78
N TRP A 90 -17.09 -11.88 -9.78
CA TRP A 90 -16.48 -11.35 -8.58
C TRP A 90 -15.85 -12.45 -7.73
N GLY A 95 -9.47 -15.60 0.28
CA GLY A 95 -8.79 -15.71 1.56
C GLY A 95 -9.56 -16.53 2.57
N ILE A 96 -8.90 -17.52 3.15
CA ILE A 96 -9.52 -18.38 4.17
C ILE A 96 -9.57 -17.67 5.52
N PRO A 97 -10.60 -17.96 6.33
CA PRO A 97 -10.62 -17.49 7.71
C PRO A 97 -9.48 -18.09 8.51
N HIS A 98 -8.90 -17.32 9.42
CA HIS A 98 -7.79 -17.84 10.21
C HIS A 98 -8.26 -18.23 11.61
N PRO A 99 -7.99 -19.49 12.01
CA PRO A 99 -8.39 -20.08 13.28
C PRO A 99 -8.10 -19.20 14.50
N ALA A 100 -6.98 -18.51 14.50
CA ALA A 100 -6.60 -17.67 15.63
C ALA A 100 -7.53 -16.46 15.78
N GLY A 101 -8.29 -16.15 14.74
CA GLY A 101 -9.20 -15.03 14.77
C GLY A 101 -10.57 -15.40 15.30
N LEU A 102 -10.86 -16.70 15.30
CA LEU A 102 -12.15 -17.20 15.75
C LEU A 102 -12.35 -16.99 17.25
N LYS A 103 -13.61 -16.84 17.64
CA LYS A 103 -13.99 -16.57 19.01
C LYS A 103 -14.60 -17.81 19.64
N LYS A 104 -14.16 -18.16 20.85
CA LYS A 104 -14.59 -19.41 21.50
C LYS A 104 -16.09 -19.45 21.77
N ASN A 105 -16.72 -20.52 21.30
CA ASN A 105 -18.15 -20.73 21.52
C ASN A 105 -18.43 -22.08 22.18
N LYS A 106 -19.41 -22.10 23.08
CA LYS A 106 -19.78 -23.32 23.78
C LYS A 106 -20.27 -24.40 22.82
N SER A 107 -20.80 -23.97 21.67
CA SER A 107 -21.27 -24.93 20.67
C SER A 107 -20.95 -24.45 19.25
N VAL A 108 -20.50 -25.38 18.42
CA VAL A 108 -20.19 -25.09 17.02
C VAL A 108 -20.63 -26.23 16.11
N THR A 109 -21.51 -25.93 15.17
CA THR A 109 -22.06 -26.93 14.25
C THR A 109 -21.67 -26.65 12.80
N VAL A 110 -21.27 -27.72 12.10
CA VAL A 110 -20.92 -27.64 10.68
C VAL A 110 -22.06 -28.18 9.83
N LEU A 111 -22.42 -27.43 8.79
CA LEU A 111 -23.46 -27.86 7.86
C LEU A 111 -23.01 -27.75 6.42
N ASP A 112 -22.73 -28.89 5.80
CA ASP A 112 -22.31 -28.92 4.39
C ASP A 112 -23.47 -29.29 3.48
N VAL A 113 -23.92 -28.33 2.68
CA VAL A 113 -25.05 -28.56 1.78
C VAL A 113 -24.67 -29.47 0.62
N GLY A 114 -25.44 -30.54 0.42
CA GLY A 114 -25.22 -31.47 -0.66
C GLY A 114 -25.94 -31.03 -1.93
N ASP A 115 -25.40 -31.43 -3.07
CA ASP A 115 -25.90 -30.97 -4.37
C ASP A 115 -25.98 -29.45 -4.40
N ALA A 116 -24.86 -28.81 -4.07
CA ALA A 116 -24.77 -27.37 -3.95
C ALA A 116 -25.14 -26.66 -5.25
N TYR A 117 -24.32 -26.87 -6.28
CA TYR A 117 -24.50 -26.16 -7.55
C TYR A 117 -25.74 -26.64 -8.29
N PHE A 118 -26.12 -27.89 -8.08
CA PHE A 118 -27.27 -28.46 -8.77
C PHE A 118 -28.60 -28.08 -8.11
N SER A 119 -28.53 -27.34 -7.01
CA SER A 119 -29.73 -26.88 -6.31
C SER A 119 -30.08 -25.44 -6.68
N VAL A 120 -29.17 -24.78 -7.39
CA VAL A 120 -29.35 -23.39 -7.79
C VAL A 120 -29.57 -23.29 -9.30
N PRO A 121 -30.69 -22.69 -9.71
CA PRO A 121 -31.06 -22.57 -11.13
C PRO A 121 -30.09 -21.70 -11.93
N LEU A 122 -30.00 -21.97 -13.23
CA LEU A 122 -29.15 -21.19 -14.14
C LEU A 122 -29.99 -20.23 -14.97
N ASP A 123 -29.44 -19.06 -15.27
CA ASP A 123 -30.11 -18.08 -16.13
C ASP A 123 -30.46 -18.70 -17.48
N GLU A 124 -31.74 -18.67 -17.81
CA GLU A 124 -32.27 -19.31 -19.02
C GLU A 124 -31.53 -18.92 -20.29
N ASP A 125 -31.21 -17.63 -20.41
CA ASP A 125 -30.61 -17.11 -21.63
C ASP A 125 -29.15 -17.52 -21.79
N PHE A 126 -28.65 -18.31 -20.83
CA PHE A 126 -27.28 -18.79 -20.89
C PHE A 126 -27.23 -20.32 -20.99
N ARG A 127 -28.38 -20.96 -20.75
CA ARG A 127 -28.48 -22.42 -20.80
C ARG A 127 -28.15 -22.96 -22.18
N LYS A 128 -28.32 -22.12 -23.19
CA LYS A 128 -28.08 -22.49 -24.58
C LYS A 128 -26.60 -22.77 -24.84
N TYR A 129 -25.73 -22.28 -23.96
CA TYR A 129 -24.29 -22.38 -24.17
C TYR A 129 -23.66 -23.55 -23.42
N THR A 130 -24.43 -24.16 -22.52
CA THR A 130 -23.93 -25.30 -21.75
C THR A 130 -24.40 -26.61 -22.37
N ALA A 131 -24.62 -26.60 -23.67
CA ALA A 131 -25.14 -27.77 -24.37
C ALA A 131 -24.06 -28.81 -24.65
N PHE A 132 -24.39 -30.08 -24.42
CA PHE A 132 -23.46 -31.16 -24.69
C PHE A 132 -24.17 -32.33 -25.37
N THR A 133 -23.38 -33.21 -25.99
CA THR A 133 -23.94 -34.30 -26.79
C THR A 133 -23.36 -35.66 -26.43
N ILE A 134 -24.25 -36.63 -26.24
CA ILE A 134 -23.84 -38.01 -25.99
C ILE A 134 -23.76 -38.79 -27.31
N PRO A 135 -22.56 -39.29 -27.64
CA PRO A 135 -22.38 -40.08 -28.86
C PRO A 135 -23.21 -41.36 -28.82
N SER A 136 -23.89 -41.68 -29.90
CA SER A 136 -24.70 -42.89 -29.96
C SER A 136 -23.85 -44.12 -30.27
N ILE A 137 -24.46 -45.30 -30.18
CA ILE A 137 -23.76 -46.54 -30.44
C ILE A 137 -23.48 -46.70 -31.93
N ASN A 138 -22.23 -46.99 -32.26
CA ASN A 138 -21.76 -47.20 -33.64
C ASN A 138 -21.96 -45.98 -34.55
N ASN A 139 -22.35 -44.85 -33.96
CA ASN A 139 -22.56 -43.61 -34.68
C ASN A 139 -23.54 -43.73 -35.85
N GLU A 140 -24.53 -44.61 -35.71
CA GLU A 140 -25.51 -44.86 -36.76
C GLU A 140 -26.79 -44.04 -36.54
N THR A 141 -26.83 -43.29 -35.45
CA THR A 141 -27.97 -42.42 -35.15
C THR A 141 -27.46 -41.14 -34.48
N PRO A 142 -28.14 -40.01 -34.72
CA PRO A 142 -27.76 -38.71 -34.15
C PRO A 142 -27.58 -38.75 -32.63
N GLY A 143 -26.51 -38.11 -32.14
CA GLY A 143 -26.22 -38.08 -30.72
C GLY A 143 -27.30 -37.42 -29.90
N ILE A 144 -27.40 -37.79 -28.63
CA ILE A 144 -28.42 -37.25 -27.75
C ILE A 144 -28.02 -35.88 -27.22
N ARG A 145 -28.89 -34.89 -27.41
CA ARG A 145 -28.59 -33.52 -27.03
C ARG A 145 -29.10 -33.15 -25.64
N TYR A 146 -28.29 -32.42 -24.89
CA TYR A 146 -28.69 -31.96 -23.56
C TYR A 146 -28.20 -30.55 -23.25
N GLN A 147 -28.89 -29.89 -22.33
CA GLN A 147 -28.46 -28.59 -21.81
C GLN A 147 -28.74 -28.50 -20.31
N TYR A 148 -27.93 -27.74 -19.59
CA TYR A 148 -28.09 -27.59 -18.15
C TYR A 148 -29.20 -26.60 -17.81
N ASN A 149 -29.87 -26.84 -16.69
CA ASN A 149 -30.87 -25.92 -16.17
C ASN A 149 -30.44 -25.36 -14.82
N VAL A 150 -29.35 -25.91 -14.29
CA VAL A 150 -28.78 -25.46 -13.03
C VAL A 150 -27.28 -25.22 -13.20
N LEU A 151 -26.61 -24.82 -12.12
CA LEU A 151 -25.17 -24.57 -12.17
C LEU A 151 -24.40 -25.86 -12.39
N PRO A 152 -23.68 -25.95 -13.52
CA PRO A 152 -22.90 -27.14 -13.85
C PRO A 152 -21.69 -27.29 -12.93
N GLN A 153 -21.16 -28.49 -12.83
CA GLN A 153 -19.95 -28.73 -12.06
C GLN A 153 -18.74 -28.43 -12.92
N GLY A 154 -17.93 -27.47 -12.49
CA GLY A 154 -16.75 -27.09 -13.24
C GLY A 154 -16.92 -25.82 -14.06
N TRP A 155 -18.13 -25.24 -14.02
CA TRP A 155 -18.38 -23.99 -14.72
C TRP A 155 -17.82 -22.82 -13.93
N LYS A 156 -17.28 -21.83 -14.65
CA LYS A 156 -16.60 -20.69 -14.03
C LYS A 156 -17.50 -19.89 -13.09
N GLY A 157 -18.76 -19.73 -13.46
CA GLY A 157 -19.66 -18.86 -12.73
C GLY A 157 -20.51 -19.52 -11.66
N SER A 158 -20.28 -20.80 -11.41
CA SER A 158 -21.09 -21.54 -10.43
C SER A 158 -20.87 -21.10 -8.97
N PRO A 159 -19.60 -21.08 -8.49
CA PRO A 159 -19.41 -20.77 -7.06
C PRO A 159 -19.91 -19.37 -6.66
N ALA A 160 -19.68 -18.38 -7.50
CA ALA A 160 -20.06 -17.00 -7.18
C ALA A 160 -21.57 -16.86 -7.03
N ILE A 161 -22.31 -17.35 -8.02
CA ILE A 161 -23.76 -17.32 -8.00
C ILE A 161 -24.31 -18.12 -6.83
N PHE A 162 -23.70 -19.29 -6.59
CA PHE A 162 -24.10 -20.13 -5.48
C PHE A 162 -23.96 -19.42 -4.13
N GLN A 163 -22.80 -18.82 -3.88
CA GLN A 163 -22.55 -18.17 -2.60
C GLN A 163 -23.38 -16.89 -2.46
N SER A 164 -23.65 -16.22 -3.56
CA SER A 164 -24.46 -15.01 -3.52
C SER A 164 -25.91 -15.36 -3.16
N SER A 165 -26.42 -16.41 -3.80
CA SER A 165 -27.75 -16.92 -3.48
C SER A 165 -27.82 -17.35 -2.02
N MET A 166 -26.79 -18.08 -1.59
CA MET A 166 -26.67 -18.55 -0.22
C MET A 166 -26.77 -17.41 0.78
N THR A 167 -25.98 -16.36 0.56
CA THR A 167 -26.01 -15.18 1.42
C THR A 167 -27.40 -14.54 1.42
N LYS A 168 -27.96 -14.39 0.22
CA LYS A 168 -29.30 -13.82 0.07
C LYS A 168 -30.34 -14.55 0.91
N ILE A 169 -30.27 -15.88 0.92
CA ILE A 169 -31.22 -16.67 1.70
C ILE A 169 -30.88 -16.63 3.20
N LEU A 170 -29.59 -16.47 3.52
CA LEU A 170 -29.14 -16.52 4.90
C LEU A 170 -29.38 -15.22 5.69
N GLU A 171 -29.44 -14.09 5.00
CA GLU A 171 -29.61 -12.78 5.67
C GLU A 171 -30.73 -12.71 6.72
N PRO A 172 -31.98 -13.09 6.36
CA PRO A 172 -33.06 -12.87 7.32
C PRO A 172 -32.94 -13.70 8.61
N PHE A 173 -32.52 -14.96 8.48
CA PHE A 173 -32.35 -15.81 9.65
C PHE A 173 -31.27 -15.25 10.58
N ALA A 174 -30.19 -14.78 9.97
CA ALA A 174 -29.09 -14.19 10.73
C ALA A 174 -29.56 -12.92 11.44
N ALA A 175 -30.39 -12.14 10.77
CA ALA A 175 -30.94 -10.93 11.38
C ALA A 175 -31.88 -11.27 12.54
N GLN A 176 -32.62 -12.35 12.40
CA GLN A 176 -33.59 -12.77 13.41
C GLN A 176 -32.94 -13.45 14.61
N ASN A 177 -31.69 -13.86 14.45
CA ASN A 177 -30.98 -14.56 15.52
C ASN A 177 -29.62 -13.95 15.83
N PRO A 178 -29.61 -12.82 16.54
CA PRO A 178 -28.35 -12.14 16.89
C PRO A 178 -27.53 -12.94 17.89
N ASP A 179 -28.18 -13.86 18.58
CA ASP A 179 -27.53 -14.64 19.63
C ASP A 179 -26.69 -15.79 19.09
N ILE A 180 -26.67 -15.94 17.76
CA ILE A 180 -25.78 -16.93 17.14
C ILE A 180 -24.92 -16.29 16.06
N VAL A 181 -23.78 -16.91 15.79
CA VAL A 181 -22.84 -16.41 14.79
C VAL A 181 -22.73 -17.41 13.65
N ILE A 182 -22.88 -16.93 12.43
CA ILE A 182 -22.79 -17.80 11.25
C ILE A 182 -21.64 -17.40 10.33
N CYS A 183 -20.80 -18.37 10.01
CA CYS A 183 -19.74 -18.18 9.03
C CYS A 183 -20.07 -18.96 7.76
N GLN A 184 -19.57 -18.50 6.62
CA GLN A 184 -19.76 -19.23 5.38
C GLN A 184 -18.52 -19.15 4.51
N TYR A 185 -17.94 -20.31 4.21
CA TYR A 185 -16.73 -20.37 3.40
C TYR A 185 -17.07 -20.52 1.92
N MET A 186 -17.39 -21.74 1.51
CA MET A 186 -17.76 -21.98 0.12
C MET A 186 -19.08 -22.74 0.02
N ASP A 187 -19.06 -24.01 0.40
CA ASP A 187 -20.24 -24.86 0.32
C ASP A 187 -20.68 -25.28 1.71
N ASP A 188 -20.10 -24.65 2.73
CA ASP A 188 -20.38 -25.02 4.11
C ASP A 188 -20.87 -23.82 4.93
N LEU A 189 -21.58 -24.11 6.01
CA LEU A 189 -21.96 -23.11 6.99
C LEU A 189 -21.42 -23.51 8.37
N TYR A 190 -20.81 -22.57 9.07
CA TYR A 190 -20.26 -22.83 10.38
C TYR A 190 -20.99 -21.99 11.43
N VAL A 191 -21.93 -22.61 12.14
CA VAL A 191 -22.73 -21.89 13.12
C VAL A 191 -22.14 -22.08 14.51
N GLY A 192 -22.32 -21.08 15.38
CA GLY A 192 -21.77 -21.16 16.71
C GLY A 192 -22.50 -20.28 17.71
N SER A 193 -22.59 -20.75 18.95
CA SER A 193 -23.27 -19.99 19.99
C SER A 193 -22.82 -20.37 21.40
N ASP A 194 -23.07 -19.47 22.34
CA ASP A 194 -22.78 -19.71 23.75
C ASP A 194 -24.04 -20.11 24.51
N LEU A 195 -25.06 -20.53 23.75
CA LEU A 195 -26.31 -20.98 24.34
C LEU A 195 -26.16 -22.36 24.94
N GLU A 196 -27.23 -22.88 25.52
CA GLU A 196 -27.26 -24.25 26.03
C GLU A 196 -27.31 -25.21 24.86
N ILE A 197 -26.90 -26.46 25.11
CA ILE A 197 -26.78 -27.46 24.06
C ILE A 197 -28.11 -27.74 23.36
N GLY A 198 -29.17 -27.86 24.15
CA GLY A 198 -30.50 -28.11 23.60
C GLY A 198 -31.00 -26.96 22.76
N GLN A 199 -30.85 -25.75 23.28
CA GLN A 199 -31.27 -24.54 22.56
C GLN A 199 -30.48 -24.38 21.26
N HIS A 200 -29.18 -24.60 21.33
CA HIS A 200 -28.30 -24.52 20.16
C HIS A 200 -28.71 -25.53 19.09
N ARG A 201 -28.90 -26.79 19.51
CA ARG A 201 -29.26 -27.86 18.57
C ARG A 201 -30.62 -27.58 17.94
N THR A 202 -31.53 -27.04 18.76
CA THR A 202 -32.85 -26.64 18.30
C THR A 202 -32.75 -25.55 17.23
N LYS A 203 -31.95 -24.53 17.49
CA LYS A 203 -31.77 -23.44 16.53
C LYS A 203 -31.10 -23.94 15.25
N ILE A 204 -30.23 -24.95 15.37
CA ILE A 204 -29.64 -25.58 14.20
C ILE A 204 -30.74 -26.26 13.37
N GLU A 205 -31.64 -26.96 14.06
CA GLU A 205 -32.78 -27.57 13.38
C GLU A 205 -33.64 -26.52 12.66
N GLU A 206 -33.83 -25.38 13.33
CA GLU A 206 -34.59 -24.27 12.75
C GLU A 206 -33.93 -23.74 11.48
N LEU A 207 -32.61 -23.59 11.53
CA LEU A 207 -31.83 -23.15 10.38
C LEU A 207 -31.98 -24.14 9.24
N ARG A 208 -31.88 -25.42 9.54
CA ARG A 208 -32.06 -26.46 8.54
C ARG A 208 -33.45 -26.39 7.90
N GLN A 209 -34.46 -26.08 8.73
CA GLN A 209 -35.82 -25.91 8.23
C GLN A 209 -35.92 -24.71 7.27
N HIS A 210 -35.33 -23.58 7.68
CA HIS A 210 -35.32 -22.36 6.89
C HIS A 210 -34.61 -22.54 5.54
N LEU A 211 -33.52 -23.31 5.55
CA LEU A 211 -32.81 -23.63 4.31
C LEU A 211 -33.63 -24.59 3.46
N LEU A 212 -34.33 -25.50 4.12
CA LEU A 212 -35.16 -26.49 3.44
C LEU A 212 -36.34 -25.83 2.74
N ARG A 213 -36.81 -24.71 3.29
CA ARG A 213 -37.90 -23.95 2.66
C ARG A 213 -37.53 -23.49 1.25
N TRP A 214 -36.26 -23.15 1.05
CA TRP A 214 -35.78 -22.70 -0.26
C TRP A 214 -35.26 -23.86 -1.10
N GLY A 215 -35.24 -25.06 -0.51
CA GLY A 215 -34.85 -26.25 -1.24
C GLY A 215 -33.37 -26.56 -1.15
N LEU A 216 -32.80 -26.39 0.05
CA LEU A 216 -31.40 -26.71 0.28
C LEU A 216 -31.25 -27.84 1.30
N THR A 217 -30.60 -28.91 0.87
CA THR A 217 -30.46 -30.11 1.71
C THR A 217 -29.20 -30.07 2.58
N THR A 218 -29.38 -30.29 3.88
CA THR A 218 -28.27 -30.32 4.83
C THR A 218 -28.39 -31.53 5.76
N PRO A 219 -27.24 -32.09 6.17
CA PRO A 219 -27.21 -33.26 7.08
C PRO A 219 -27.93 -33.01 8.40
N LYS A 225 -20.57 -34.00 11.02
CA LYS A 225 -19.21 -33.93 11.54
C LYS A 225 -19.20 -33.38 12.96
N GLU A 226 -18.20 -33.80 13.74
CA GLU A 226 -18.05 -33.35 15.12
C GLU A 226 -16.56 -33.20 15.43
N PRO A 227 -16.21 -32.33 16.39
CA PRO A 227 -14.80 -32.02 16.69
C PRO A 227 -13.96 -33.27 17.00
N PRO A 228 -12.67 -33.25 16.63
CA PRO A 228 -11.98 -32.15 15.96
C PRO A 228 -12.27 -32.07 14.46
N PHE A 229 -12.30 -30.85 13.93
CA PHE A 229 -12.58 -30.64 12.51
C PHE A 229 -11.29 -30.53 11.69
N LEU A 230 -11.19 -31.35 10.64
CA LEU A 230 -10.06 -31.25 9.73
C LEU A 230 -10.39 -30.31 8.58
N TRP A 231 -9.89 -29.09 8.64
CA TRP A 231 -10.33 -28.06 7.71
C TRP A 231 -9.20 -27.18 7.17
N MET A 232 -8.95 -27.29 5.87
CA MET A 232 -7.98 -26.47 5.16
C MET A 232 -6.58 -26.53 5.77
N GLY A 233 -6.13 -27.73 6.11
CA GLY A 233 -4.82 -27.93 6.69
C GLY A 233 -4.78 -27.67 8.18
N TYR A 234 -5.92 -27.25 8.73
CA TYR A 234 -6.02 -26.98 10.16
C TYR A 234 -6.74 -28.10 10.89
N GLU A 235 -6.51 -28.15 12.20
CA GLU A 235 -7.29 -28.99 13.10
C GLU A 235 -7.97 -28.13 14.15
N LEU A 236 -9.29 -28.11 14.13
CA LEU A 236 -10.06 -27.28 15.04
C LEU A 236 -10.67 -28.09 16.19
N HIS A 237 -10.15 -27.86 17.39
CA HIS A 237 -10.66 -28.47 18.60
C HIS A 237 -11.51 -27.44 19.35
N PRO A 238 -12.36 -27.89 20.28
CA PRO A 238 -13.21 -26.93 20.99
C PRO A 238 -12.46 -25.81 21.72
N ASP A 239 -11.41 -26.13 22.47
CA ASP A 239 -10.68 -25.12 23.22
C ASP A 239 -9.41 -24.60 22.54
N LYS A 240 -9.07 -25.17 21.39
CA LYS A 240 -7.80 -24.82 20.75
C LYS A 240 -7.76 -25.20 19.27
N TRP A 241 -6.75 -24.69 18.57
CA TRP A 241 -6.56 -24.99 17.15
C TRP A 241 -5.10 -25.34 16.89
N THR A 242 -4.86 -26.08 15.80
CA THR A 242 -3.49 -26.35 15.37
C THR A 242 -3.47 -26.63 13.87
N VAL A 243 -2.34 -27.12 13.39
CA VAL A 243 -2.23 -27.52 11.99
C VAL A 243 -2.19 -29.04 11.88
N GLN A 244 -2.65 -29.56 10.75
CA GLN A 244 -2.51 -30.97 10.46
C GLN A 244 -1.03 -31.28 10.36
N PRO A 245 -0.61 -32.46 10.85
CA PRO A 245 0.81 -32.83 10.97
C PRO A 245 1.61 -32.61 9.69
N ILE A 246 2.78 -32.00 9.84
CA ILE A 246 3.64 -31.67 8.71
C ILE A 246 4.61 -32.81 8.39
N VAL A 247 4.61 -33.24 7.13
CA VAL A 247 5.51 -34.30 6.70
C VAL A 247 6.62 -33.75 5.81
N LEU A 248 7.85 -33.77 6.33
CA LEU A 248 9.01 -33.32 5.58
C LEU A 248 9.62 -34.50 4.83
N PRO A 249 9.53 -34.48 3.49
CA PRO A 249 10.05 -35.57 2.65
C PRO A 249 11.53 -35.82 2.87
N GLU A 250 11.91 -37.09 3.03
CA GLU A 250 13.29 -37.46 3.27
C GLU A 250 13.90 -38.15 2.05
N LYS A 251 14.84 -37.47 1.40
CA LYS A 251 15.52 -38.03 0.24
C LYS A 251 16.96 -37.51 0.18
N ASP A 252 17.88 -38.37 -0.28
CA ASP A 252 19.29 -37.99 -0.38
C ASP A 252 19.49 -37.00 -1.52
N SER A 253 18.56 -36.99 -2.46
CA SER A 253 18.59 -36.03 -3.57
C SER A 253 17.40 -35.08 -3.49
N TRP A 254 17.67 -33.81 -3.23
CA TRP A 254 16.63 -32.80 -3.13
C TRP A 254 16.55 -31.97 -4.41
N THR A 255 15.45 -32.09 -5.13
CA THR A 255 15.24 -31.36 -6.36
C THR A 255 14.63 -29.99 -6.09
N VAL A 256 14.53 -29.16 -7.13
CA VAL A 256 13.97 -27.82 -7.01
C VAL A 256 12.53 -27.85 -6.50
N ASN A 257 11.74 -28.76 -7.05
CA ASN A 257 10.36 -28.93 -6.63
C ASN A 257 10.26 -29.40 -5.18
N ASP A 258 11.17 -30.27 -4.78
CA ASP A 258 11.22 -30.75 -3.40
C ASP A 258 11.51 -29.60 -2.43
N ILE A 259 12.38 -28.69 -2.85
CA ILE A 259 12.74 -27.54 -2.03
C ILE A 259 11.59 -26.53 -1.98
N GLN A 260 10.89 -26.36 -3.09
CA GLN A 260 9.71 -25.48 -3.11
C GLN A 260 8.62 -26.01 -2.19
N LYS A 261 8.39 -27.33 -2.25
CA LYS A 261 7.38 -27.97 -1.42
C LYS A 261 7.77 -27.92 0.06
N LEU A 262 9.07 -28.10 0.34
CA LEU A 262 9.58 -28.03 1.70
C LEU A 262 9.45 -26.62 2.26
N VAL A 263 9.71 -25.64 1.41
CA VAL A 263 9.58 -24.23 1.80
C VAL A 263 8.12 -23.89 2.06
N GLY A 264 7.22 -24.39 1.23
CA GLY A 264 5.80 -24.19 1.41
C GLY A 264 5.30 -24.81 2.72
N LYS A 265 5.75 -26.03 2.98
CA LYS A 265 5.35 -26.75 4.18
C LYS A 265 5.90 -26.09 5.44
N LEU A 266 7.13 -25.61 5.37
CA LEU A 266 7.76 -24.97 6.52
C LEU A 266 7.15 -23.59 6.78
N ASN A 267 6.77 -22.89 5.72
CA ASN A 267 6.07 -21.62 5.85
C ASN A 267 4.70 -21.83 6.46
N TRP A 268 4.04 -22.90 6.02
CA TRP A 268 2.72 -23.24 6.54
C TRP A 268 2.81 -23.65 8.00
N ALA A 269 3.92 -24.26 8.39
CA ALA A 269 4.10 -24.71 9.76
C ALA A 269 4.47 -23.55 10.67
N SER A 270 5.04 -22.49 10.08
CA SER A 270 5.60 -21.38 10.85
C SER A 270 4.55 -20.51 11.52
N GLN A 271 3.29 -20.66 11.14
CA GLN A 271 2.23 -19.86 11.77
C GLN A 271 2.01 -20.28 13.22
N ILE A 272 1.81 -21.57 13.46
CA ILE A 272 1.76 -22.05 14.84
C ILE A 272 3.15 -22.33 15.45
N TYR A 273 4.06 -22.90 14.68
CA TYR A 273 5.38 -23.31 15.19
C TYR A 273 6.39 -22.15 15.22
N PRO A 274 6.80 -21.75 16.43
CA PRO A 274 7.79 -20.67 16.60
C PRO A 274 9.21 -21.09 16.24
N GLY A 275 9.98 -20.19 15.64
CA GLY A 275 11.39 -20.41 15.40
C GLY A 275 11.73 -21.14 14.11
N ILE A 276 10.75 -21.29 13.23
CA ILE A 276 10.99 -21.93 11.94
C ILE A 276 11.84 -21.03 11.05
N LYS A 277 12.97 -21.56 10.56
CA LYS A 277 13.86 -20.82 9.70
C LYS A 277 13.84 -21.40 8.29
N VAL A 278 13.68 -20.54 7.29
CA VAL A 278 13.61 -20.99 5.90
C VAL A 278 14.54 -20.19 4.98
N ARG A 279 15.51 -19.50 5.57
CA ARG A 279 16.36 -18.60 4.79
C ARG A 279 17.29 -19.35 3.84
N GLN A 280 17.94 -20.39 4.33
CA GLN A 280 18.89 -21.16 3.53
C GLN A 280 18.21 -21.87 2.38
N LEU A 281 17.15 -22.62 2.70
CA LEU A 281 16.41 -23.39 1.71
C LEU A 281 15.80 -22.51 0.62
N SER A 282 15.44 -21.29 0.99
CA SER A 282 14.90 -20.33 0.02
C SER A 282 16.03 -19.66 -0.74
N LYS A 283 17.21 -19.65 -0.14
CA LYS A 283 18.40 -19.07 -0.76
C LYS A 283 18.95 -20.03 -1.81
N LEU A 284 18.62 -21.31 -1.66
CA LEU A 284 19.05 -22.32 -2.62
C LEU A 284 18.14 -22.39 -3.86
N LEU A 285 17.12 -21.54 -3.90
CA LEU A 285 16.18 -21.51 -5.02
C LEU A 285 16.35 -20.26 -5.89
N ARG A 286 17.45 -19.55 -5.70
CA ARG A 286 17.72 -18.35 -6.47
C ARG A 286 17.94 -18.69 -7.95
N THR A 298 24.66 -26.46 2.42
CA THR A 298 25.66 -26.05 3.39
C THR A 298 25.33 -26.59 4.78
N GLU A 299 26.30 -26.51 5.69
CA GLU A 299 26.11 -26.98 7.06
C GLU A 299 25.08 -26.14 7.79
N GLU A 300 25.02 -24.86 7.43
CA GLU A 300 24.04 -23.94 7.98
C GLU A 300 22.63 -24.42 7.64
N ALA A 301 22.44 -24.86 6.39
CA ALA A 301 21.16 -25.32 5.91
C ALA A 301 20.74 -26.64 6.57
N GLU A 302 21.69 -27.56 6.69
CA GLU A 302 21.42 -28.86 7.30
C GLU A 302 21.08 -28.71 8.78
N LEU A 303 21.84 -27.86 9.49
CA LEU A 303 21.58 -27.59 10.90
C LEU A 303 20.24 -26.87 11.06
N GLU A 304 19.92 -26.03 10.07
CA GLU A 304 18.65 -25.31 10.06
C GLU A 304 17.47 -26.26 9.94
N LEU A 305 17.53 -27.17 8.98
CA LEU A 305 16.45 -28.13 8.75
C LEU A 305 16.37 -29.15 9.89
N ALA A 306 17.51 -29.44 10.50
CA ALA A 306 17.55 -30.34 11.65
C ALA A 306 16.90 -29.68 12.87
N GLU A 307 17.13 -28.38 13.02
CA GLU A 307 16.48 -27.62 14.07
C GLU A 307 14.98 -27.49 13.78
N ASN A 308 14.62 -27.47 12.51
CA ASN A 308 13.22 -27.45 12.10
C ASN A 308 12.54 -28.77 12.44
N ARG A 309 13.27 -29.87 12.29
CA ARG A 309 12.77 -31.18 12.70
C ARG A 309 12.75 -31.28 14.23
N GLU A 310 13.59 -30.48 14.88
CA GLU A 310 13.64 -30.43 16.34
C GLU A 310 12.44 -29.67 16.90
N ILE A 311 11.99 -28.65 16.16
CA ILE A 311 10.82 -27.88 16.56
C ILE A 311 9.54 -28.66 16.26
N LEU A 312 9.53 -29.37 15.14
CA LEU A 312 8.38 -30.19 14.76
C LEU A 312 8.34 -31.52 15.51
N LYS A 313 9.06 -31.59 16.63
CA LYS A 313 9.08 -32.80 17.45
C LYS A 313 7.86 -32.87 18.35
N GLU A 314 7.78 -31.95 19.31
CA GLU A 314 6.62 -31.86 20.19
C GLU A 314 5.67 -30.76 19.72
N PRO A 315 4.50 -31.16 19.20
CA PRO A 315 3.50 -30.24 18.66
C PRO A 315 2.94 -29.28 19.70
N VAL A 316 2.52 -28.10 19.25
CA VAL A 316 1.93 -27.09 20.14
C VAL A 316 0.60 -26.58 19.58
N HIS A 317 -0.27 -26.12 20.48
CA HIS A 317 -1.61 -25.68 20.10
C HIS A 317 -1.78 -24.18 20.26
N GLY A 318 -2.47 -23.56 19.30
CA GLY A 318 -2.86 -22.17 19.44
C GLY A 318 -4.24 -22.04 20.06
N VAL A 319 -4.51 -20.91 20.70
CA VAL A 319 -5.80 -20.69 21.34
C VAL A 319 -6.69 -19.83 20.44
N TYR A 320 -7.92 -19.59 20.88
CA TYR A 320 -8.85 -18.75 20.12
C TYR A 320 -8.84 -17.32 20.66
N TYR A 321 -9.59 -16.44 20.04
CA TYR A 321 -9.49 -15.01 20.35
C TYR A 321 -10.57 -14.53 21.32
N ASP A 322 -10.14 -13.79 22.33
CA ASP A 322 -11.06 -13.18 23.28
C ASP A 322 -11.00 -11.65 23.19
N PRO A 323 -12.09 -11.04 22.71
CA PRO A 323 -12.20 -9.59 22.49
C PRO A 323 -12.03 -8.73 23.74
N SER A 324 -12.17 -9.32 24.91
CA SER A 324 -12.15 -8.55 26.16
C SER A 324 -10.74 -8.31 26.67
N LYS A 325 -9.77 -9.01 26.08
CA LYS A 325 -8.38 -8.90 26.51
C LYS A 325 -7.52 -8.23 25.45
N ASP A 326 -6.46 -7.56 25.89
CA ASP A 326 -5.55 -6.86 24.98
C ASP A 326 -4.86 -7.80 24.00
N LEU A 327 -4.55 -7.28 22.82
CA LEU A 327 -3.86 -8.04 21.78
C LEU A 327 -2.38 -7.67 21.78
N ILE A 328 -1.51 -8.66 21.91
CA ILE A 328 -0.09 -8.38 22.06
C ILE A 328 0.76 -9.11 21.02
N ALA A 329 1.68 -8.40 20.39
CA ALA A 329 2.65 -9.02 19.48
C ALA A 329 4.07 -8.75 19.96
N GLU A 330 4.85 -9.80 20.16
CA GLU A 330 6.23 -9.64 20.59
C GLU A 330 7.19 -10.07 19.48
N ILE A 331 8.24 -9.28 19.28
CA ILE A 331 9.17 -9.54 18.18
C ILE A 331 10.57 -9.90 18.68
N GLN A 332 11.20 -10.88 18.03
CA GLN A 332 12.59 -11.22 18.31
C GLN A 332 13.45 -11.28 17.04
N LYS A 333 14.64 -10.69 17.13
CA LYS A 333 15.63 -10.80 16.07
C LYS A 333 16.23 -12.21 16.05
N GLN A 334 16.12 -12.88 14.90
CA GLN A 334 16.60 -14.25 14.77
C GLN A 334 17.98 -14.29 14.13
N GLY A 335 18.42 -13.14 13.61
CA GLY A 335 19.72 -13.04 12.99
C GLY A 335 19.69 -13.26 11.48
N GLN A 336 20.59 -12.59 10.78
CA GLN A 336 20.75 -12.74 9.33
C GLN A 336 19.50 -12.33 8.57
N GLY A 337 18.97 -11.15 8.90
CA GLY A 337 17.81 -10.62 8.22
C GLY A 337 16.51 -11.32 8.54
N GLN A 338 16.56 -12.25 9.50
CA GLN A 338 15.38 -13.02 9.88
C GLN A 338 14.78 -12.53 11.20
N TRP A 339 13.46 -12.47 11.24
CA TRP A 339 12.75 -12.03 12.43
C TRP A 339 11.63 -12.99 12.75
N THR A 340 11.29 -13.12 14.02
CA THR A 340 10.17 -13.97 14.40
C THR A 340 9.23 -13.21 15.33
N TYR A 341 7.94 -13.49 15.25
CA TYR A 341 6.98 -12.82 16.13
C TYR A 341 5.93 -13.75 16.71
N GLN A 342 5.51 -13.47 17.93
CA GLN A 342 4.43 -14.22 18.55
C GLN A 342 3.27 -13.29 18.90
N ILE A 343 2.06 -13.68 18.51
CA ILE A 343 0.86 -12.94 18.86
C ILE A 343 0.03 -13.71 19.88
N TYR A 344 -0.19 -13.06 21.03
CA TYR A 344 -0.84 -13.67 22.17
C TYR A 344 -1.63 -12.64 22.98
N GLN A 345 -2.45 -13.13 23.92
CA GLN A 345 -3.18 -12.26 24.84
C GLN A 345 -2.75 -12.53 26.27
N GLU A 346 -2.49 -13.79 26.57
CA GLU A 346 -1.98 -14.19 27.88
C GLU A 346 -0.62 -14.84 27.69
N PRO A 347 0.29 -14.64 28.65
CA PRO A 347 1.63 -15.24 28.61
C PRO A 347 1.58 -16.76 28.39
N PHE A 348 2.55 -17.27 27.62
CA PHE A 348 2.73 -18.70 27.35
C PHE A 348 1.64 -19.32 26.46
N LYS A 349 0.57 -18.57 26.20
CA LYS A 349 -0.51 -19.05 25.34
C LYS A 349 -0.63 -18.20 24.07
N ASN A 350 -0.07 -18.69 22.98
CA ASN A 350 -0.06 -17.93 21.73
C ASN A 350 -1.37 -18.03 20.96
N LEU A 351 -1.81 -16.92 20.37
CA LEU A 351 -2.87 -16.95 19.38
C LEU A 351 -2.31 -17.50 18.08
N LYS A 352 -1.18 -16.93 17.66
CA LYS A 352 -0.47 -17.44 16.48
C LYS A 352 0.96 -16.94 16.49
N THR A 353 1.77 -17.38 15.53
CA THR A 353 3.14 -16.90 15.41
C THR A 353 3.46 -16.59 13.95
N GLY A 354 4.71 -16.21 13.68
CA GLY A 354 5.13 -15.98 12.32
C GLY A 354 6.58 -15.53 12.20
N LYS A 355 6.98 -15.23 10.98
CA LYS A 355 8.35 -14.79 10.71
C LYS A 355 8.38 -13.73 9.62
N TYR A 356 9.50 -13.01 9.53
CA TYR A 356 9.70 -12.01 8.49
C TYR A 356 11.12 -12.05 7.97
N ALA A 357 11.26 -12.19 6.65
CA ALA A 357 12.56 -12.14 6.01
C ALA A 357 12.80 -10.74 5.46
N ARG A 358 14.03 -10.26 5.58
CA ARG A 358 14.35 -8.92 5.09
C ARG A 358 14.24 -8.86 3.58
N MET A 359 13.86 -7.70 3.06
CA MET A 359 13.77 -7.49 1.62
C MET A 359 15.15 -7.52 1.01
N ARG A 360 15.22 -7.78 -0.30
CA ARG A 360 16.50 -7.81 -0.99
C ARG A 360 17.08 -6.39 -1.08
N GLY A 361 18.30 -6.22 -0.59
CA GLY A 361 18.94 -4.92 -0.61
C GLY A 361 20.44 -5.00 -0.43
N ALA A 362 21.13 -3.96 -0.90
CA ALA A 362 22.59 -3.89 -0.78
C ALA A 362 22.99 -3.45 0.62
N HIS A 363 22.18 -2.58 1.22
CA HIS A 363 22.44 -2.09 2.57
C HIS A 363 21.15 -2.06 3.38
N THR A 364 21.29 -2.06 4.70
CA THR A 364 20.15 -2.08 5.61
C THR A 364 20.61 -2.03 7.06
N ASN A 365 19.70 -1.71 7.97
CA ASN A 365 19.99 -1.84 9.39
C ASN A 365 18.84 -2.51 10.12
N ASP A 366 19.08 -2.89 11.37
CA ASP A 366 18.11 -3.62 12.17
C ASP A 366 16.81 -2.83 12.38
N VAL A 367 16.93 -1.53 12.60
CA VAL A 367 15.76 -0.71 12.92
C VAL A 367 14.76 -0.67 11.77
N LYS A 368 15.25 -0.54 10.54
CA LYS A 368 14.38 -0.54 9.37
C LYS A 368 13.65 -1.87 9.24
N GLN A 369 14.40 -2.97 9.36
CA GLN A 369 13.82 -4.30 9.24
C GLN A 369 12.75 -4.53 10.30
N LEU A 370 13.03 -4.03 11.50
CA LEU A 370 12.09 -4.11 12.61
C LEU A 370 10.82 -3.34 12.25
N THR A 371 10.99 -2.14 11.70
CA THR A 371 9.85 -1.31 11.28
C THR A 371 8.98 -2.04 10.25
N GLU A 372 9.63 -2.59 9.22
CA GLU A 372 8.93 -3.35 8.20
C GLU A 372 8.16 -4.51 8.82
N ALA A 373 8.83 -5.26 9.70
CA ALA A 373 8.20 -6.40 10.39
C ALA A 373 6.95 -5.97 11.14
N VAL A 374 7.07 -4.87 11.87
CA VAL A 374 5.93 -4.27 12.55
C VAL A 374 4.80 -3.97 11.57
N GLN A 375 5.11 -3.36 10.42
CA GLN A 375 4.10 -3.05 9.43
C GLN A 375 3.35 -4.33 8.99
N LYS A 376 4.14 -5.35 8.65
CA LYS A 376 3.57 -6.63 8.23
C LYS A 376 2.62 -7.22 9.26
N ILE A 377 3.12 -7.33 10.49
CA ILE A 377 2.33 -7.87 11.59
C ILE A 377 1.05 -7.06 11.78
N THR A 378 1.15 -5.75 11.60
CA THR A 378 0.01 -4.86 11.72
C THR A 378 -1.05 -5.18 10.68
N THR A 379 -0.65 -5.25 9.41
CA THR A 379 -1.60 -5.56 8.34
C THR A 379 -2.26 -6.92 8.57
N GLU A 380 -1.44 -7.94 8.85
CA GLU A 380 -1.96 -9.27 9.14
C GLU A 380 -2.99 -9.25 10.28
N SER A 381 -2.66 -8.49 11.34
CA SER A 381 -3.53 -8.36 12.49
C SER A 381 -4.86 -7.74 12.15
N ILE A 382 -4.82 -6.63 11.40
CA ILE A 382 -6.05 -5.97 10.99
C ILE A 382 -6.90 -6.91 10.14
N VAL A 383 -6.24 -7.71 9.30
CA VAL A 383 -6.98 -8.72 8.53
C VAL A 383 -7.66 -9.75 9.44
N ILE A 384 -6.93 -10.24 10.44
CA ILE A 384 -7.42 -11.35 11.26
C ILE A 384 -8.34 -10.93 12.42
N TRP A 385 -7.94 -9.91 13.17
CA TRP A 385 -8.69 -9.51 14.36
C TRP A 385 -9.38 -8.15 14.21
N GLY A 386 -9.06 -7.43 13.15
CA GLY A 386 -9.66 -6.13 12.91
C GLY A 386 -9.13 -5.04 13.81
N LYS A 387 -7.96 -5.27 14.39
CA LYS A 387 -7.33 -4.27 15.24
C LYS A 387 -5.81 -4.38 15.22
N THR A 388 -5.14 -3.31 15.63
CA THR A 388 -3.70 -3.29 15.75
C THR A 388 -3.28 -3.67 17.17
N PRO A 389 -2.38 -4.66 17.30
CA PRO A 389 -1.94 -5.11 18.63
C PRO A 389 -0.90 -4.19 19.23
N LYS A 390 -0.75 -4.23 20.56
CA LYS A 390 0.34 -3.54 21.23
C LYS A 390 1.61 -4.33 20.97
N PHE A 391 2.73 -3.63 20.79
CA PHE A 391 3.98 -4.32 20.45
C PHE A 391 4.96 -4.37 21.62
N LYS A 392 5.58 -5.53 21.79
CA LYS A 392 6.76 -5.67 22.63
C LYS A 392 7.98 -5.85 21.72
N LEU A 393 8.84 -4.84 21.73
CA LEU A 393 9.99 -4.80 20.83
C LEU A 393 11.31 -4.81 21.59
N PRO A 394 12.34 -5.47 21.02
CA PRO A 394 13.69 -5.49 21.58
C PRO A 394 14.49 -4.25 21.23
N ILE A 395 13.94 -3.07 21.50
CA ILE A 395 14.65 -1.82 21.23
C ILE A 395 14.34 -0.78 22.32
N GLN A 396 15.37 -0.07 22.78
CA GLN A 396 15.19 0.96 23.79
C GLN A 396 14.41 2.14 23.23
N LYS A 397 13.58 2.76 24.08
CA LYS A 397 12.84 3.95 23.69
C LYS A 397 13.77 5.03 23.18
N GLU A 398 14.89 5.23 23.87
CA GLU A 398 15.90 6.20 23.46
C GLU A 398 16.44 5.94 22.06
N THR A 399 16.74 4.68 21.77
CA THR A 399 17.26 4.30 20.47
C THR A 399 16.30 4.70 19.35
N TRP A 400 15.04 4.31 19.52
CA TRP A 400 14.00 4.63 18.54
C TRP A 400 13.80 6.13 18.41
N GLU A 401 13.90 6.84 19.54
CA GLU A 401 13.76 8.29 19.55
C GLU A 401 14.83 8.92 18.67
N THR A 402 16.10 8.61 18.98
CA THR A 402 17.23 9.09 18.20
C THR A 402 17.05 8.78 16.72
N TRP A 403 16.73 7.52 16.44
CA TRP A 403 16.53 7.07 15.08
C TRP A 403 15.52 7.91 14.31
N TRP A 404 14.28 7.91 14.78
CA TRP A 404 13.21 8.56 14.01
C TRP A 404 13.39 10.07 13.99
N THR A 405 14.00 10.64 15.03
CA THR A 405 14.25 12.07 15.03
C THR A 405 15.33 12.49 14.03
N GLU A 406 16.35 11.66 13.87
CA GLU A 406 17.44 12.06 12.97
C GLU A 406 17.34 11.46 11.55
N TYR A 407 16.45 10.49 11.37
CA TYR A 407 16.33 9.80 10.07
C TYR A 407 15.66 10.67 9.01
N TRP A 408 16.28 10.77 7.84
CA TRP A 408 15.79 11.66 6.79
C TRP A 408 14.42 11.29 6.23
N GLN A 409 14.10 9.99 6.23
CA GLN A 409 12.76 9.53 5.85
C GLN A 409 11.77 9.69 7.00
N ALA A 410 10.50 9.80 6.66
CA ALA A 410 9.43 9.75 7.65
C ALA A 410 9.22 8.31 8.12
N THR A 411 9.06 8.11 9.42
CA THR A 411 8.86 6.77 9.95
C THR A 411 8.03 6.74 11.23
N TRP A 412 7.26 5.67 11.40
CA TRP A 412 6.35 5.54 12.53
C TRP A 412 6.11 4.09 12.95
N ILE A 413 5.89 3.89 14.25
CA ILE A 413 5.44 2.60 14.78
C ILE A 413 4.27 2.86 15.71
N PRO A 414 3.25 1.99 15.68
CA PRO A 414 2.13 2.15 16.63
C PRO A 414 2.57 1.86 18.08
N GLU A 415 1.62 1.90 19.00
CA GLU A 415 1.89 1.78 20.43
C GLU A 415 2.74 0.55 20.76
N TRP A 416 3.82 0.77 21.50
CA TRP A 416 4.75 -0.32 21.82
C TRP A 416 5.53 -0.05 23.10
N GLU A 417 6.05 -1.12 23.69
CA GLU A 417 6.91 -0.98 24.86
C GLU A 417 8.17 -1.85 24.72
N PHE A 418 9.22 -1.48 25.45
CA PHE A 418 10.50 -2.18 25.38
C PHE A 418 10.55 -3.41 26.30
N VAL A 419 10.76 -4.58 25.71
CA VAL A 419 11.02 -5.78 26.46
C VAL A 419 12.49 -6.16 26.27
N ASN A 420 13.20 -6.47 27.35
CA ASN A 420 14.61 -6.79 27.17
C ASN A 420 14.78 -8.30 27.00
N THR A 421 15.06 -8.68 25.76
CA THR A 421 15.33 -10.05 25.38
C THR A 421 16.40 -10.06 24.29
N PRO A 422 17.68 -9.98 24.69
CA PRO A 422 18.77 -9.86 23.72
C PRO A 422 18.73 -10.96 22.64
N PRO A 423 19.25 -10.67 21.43
CA PRO A 423 19.93 -9.44 21.02
C PRO A 423 19.02 -8.21 20.91
N LEU A 424 19.48 -7.08 21.44
CA LEU A 424 18.72 -5.84 21.36
C LEU A 424 19.10 -5.07 20.11
N VAL A 425 18.09 -4.46 19.49
CA VAL A 425 18.32 -3.61 18.33
C VAL A 425 18.85 -2.26 18.79
N LYS A 426 20.02 -1.89 18.27
CA LYS A 426 20.68 -0.64 18.68
C LYS A 426 21.25 0.13 17.49
N LEU A 427 21.57 1.39 17.72
CA LEU A 427 22.28 2.18 16.72
C LEU A 427 23.77 2.09 17.01
N TRP A 428 24.53 1.60 16.04
CA TRP A 428 25.95 1.31 16.25
C TRP A 428 26.85 2.53 16.18
N TYR A 429 26.47 3.54 15.39
CA TYR A 429 27.26 4.77 15.30
C TYR A 429 26.39 5.98 14.94
N GLN A 430 26.84 7.17 15.32
CA GLN A 430 26.11 8.40 15.01
C GLN A 430 27.02 9.52 14.53
N LEU A 431 26.71 10.06 13.35
CA LEU A 431 27.49 11.14 12.76
C LEU A 431 27.13 12.49 13.39
N GLU A 432 28.15 13.29 13.66
CA GLU A 432 27.97 14.63 14.21
C GLU A 432 27.24 15.54 13.22
N LYS A 433 26.48 16.49 13.76
CA LYS A 433 25.83 17.51 12.94
C LYS A 433 26.77 18.67 12.61
N GLU A 434 27.84 18.80 13.38
CA GLU A 434 28.76 19.91 13.23
C GLU A 434 30.20 19.45 13.28
N PRO A 435 31.12 20.20 12.64
CA PRO A 435 32.55 19.89 12.73
C PRO A 435 33.05 19.87 14.17
N ILE A 436 33.98 18.98 14.46
CA ILE A 436 34.52 18.77 15.80
C ILE A 436 35.77 19.61 16.04
N VAL A 437 35.81 20.30 17.17
CA VAL A 437 36.96 21.13 17.53
C VAL A 437 38.04 20.28 18.19
N GLY A 438 39.27 20.44 17.74
CA GLY A 438 40.39 19.67 18.27
C GLY A 438 40.56 18.37 17.53
N ALA A 439 39.60 18.05 16.66
CA ALA A 439 39.66 16.83 15.88
C ALA A 439 40.37 17.09 14.56
N GLU A 440 41.23 16.14 14.17
CA GLU A 440 41.99 16.25 12.93
C GLU A 440 41.04 16.21 11.73
N THR A 441 41.41 16.94 10.68
CA THR A 441 40.58 17.05 9.49
C THR A 441 41.19 16.30 8.31
N PHE A 442 40.59 15.15 7.99
CA PHE A 442 41.05 14.31 6.89
C PHE A 442 40.34 14.61 5.58
N TYR A 443 41.04 15.29 4.68
CA TYR A 443 40.56 15.44 3.31
C TYR A 443 40.90 14.20 2.51
N VAL A 444 39.88 13.46 2.06
CA VAL A 444 40.12 12.20 1.37
C VAL A 444 39.69 12.24 -0.09
N ASP A 445 40.26 11.33 -0.88
CA ASP A 445 39.89 11.20 -2.29
C ASP A 445 40.40 9.89 -2.89
N GLY A 446 39.71 9.43 -3.93
CA GLY A 446 40.09 8.22 -4.64
C GLY A 446 39.67 8.32 -6.10
N ALA A 447 40.44 7.67 -6.97
CA ALA A 447 40.12 7.67 -8.40
C ALA A 447 40.67 6.42 -9.06
N ALA A 448 40.12 6.08 -10.23
CA ALA A 448 40.56 4.88 -10.94
C ALA A 448 40.47 5.05 -12.45
N ASN A 449 41.33 4.34 -13.17
CA ASN A 449 41.30 4.32 -14.63
C ASN A 449 40.31 3.28 -15.12
N ARG A 450 39.43 3.70 -16.03
CA ARG A 450 38.31 2.86 -16.46
C ARG A 450 38.75 1.56 -17.15
N GLU A 451 39.62 1.68 -18.15
CA GLU A 451 40.02 0.52 -18.94
C GLU A 451 41.02 -0.39 -18.21
N THR A 452 42.04 0.20 -17.60
CA THR A 452 43.08 -0.59 -16.94
C THR A 452 42.67 -1.06 -15.55
N LYS A 453 41.56 -0.51 -15.06
CA LYS A 453 41.05 -0.80 -13.71
C LYS A 453 42.10 -0.54 -12.63
N LEU A 454 43.02 0.37 -12.91
CA LEU A 454 44.04 0.76 -11.96
C LEU A 454 43.65 2.08 -11.28
N GLY A 455 43.83 2.14 -9.96
CA GLY A 455 43.45 3.34 -9.23
C GLY A 455 44.32 3.66 -8.04
N LYS A 456 43.98 4.76 -7.37
CA LYS A 456 44.66 5.18 -6.13
C LYS A 456 43.65 5.76 -5.16
N ALA A 457 43.95 5.66 -3.86
CA ALA A 457 43.08 6.22 -2.83
C ALA A 457 43.90 6.72 -1.65
N GLY A 458 43.50 7.86 -1.08
CA GLY A 458 44.21 8.38 0.06
C GLY A 458 43.67 9.65 0.70
N TYR A 459 44.49 10.28 1.52
CA TYR A 459 44.09 11.45 2.29
C TYR A 459 45.25 12.38 2.61
N VAL A 460 44.91 13.63 2.90
CA VAL A 460 45.84 14.59 3.50
C VAL A 460 45.12 15.28 4.66
N THR A 461 45.85 15.64 5.72
CA THR A 461 45.23 16.32 6.85
C THR A 461 45.93 17.63 7.19
N ASN A 462 45.30 18.40 8.09
CA ASN A 462 45.79 19.73 8.45
C ASN A 462 47.04 19.67 9.32
N LYS A 463 47.34 18.50 9.87
CA LYS A 463 48.53 18.30 10.69
C LYS A 463 49.72 17.79 9.88
N GLY A 464 49.54 17.66 8.56
CA GLY A 464 50.61 17.22 7.69
C GLY A 464 50.55 15.75 7.34
N ARG A 465 49.72 15.00 8.05
CA ARG A 465 49.57 13.57 7.82
C ARG A 465 49.00 13.27 6.43
N GLN A 466 49.74 12.52 5.62
CA GLN A 466 49.27 12.12 4.30
C GLN A 466 49.35 10.62 4.11
N LYS A 467 48.63 10.11 3.11
CA LYS A 467 48.79 8.74 2.65
C LYS A 467 48.15 8.54 1.27
N VAL A 468 48.85 7.83 0.40
CA VAL A 468 48.27 7.38 -0.87
C VAL A 468 48.59 5.89 -1.08
N VAL A 469 47.58 5.12 -1.42
CA VAL A 469 47.74 3.69 -1.66
C VAL A 469 47.26 3.35 -3.06
N PRO A 470 48.06 2.58 -3.81
CA PRO A 470 47.66 2.17 -5.16
C PRO A 470 46.87 0.87 -5.14
N LEU A 471 45.93 0.72 -6.07
CA LEU A 471 45.02 -0.41 -6.08
C LEU A 471 44.82 -0.97 -7.48
N THR A 472 44.80 -2.29 -7.59
CA THR A 472 44.49 -2.96 -8.85
C THR A 472 43.07 -3.52 -8.81
N ASN A 473 42.43 -3.59 -9.96
CA ASN A 473 41.08 -4.14 -10.08
C ASN A 473 40.08 -3.39 -9.21
N THR A 474 39.70 -2.19 -9.63
CA THR A 474 38.79 -1.36 -8.84
C THR A 474 38.11 -0.27 -9.68
N THR A 475 37.22 0.48 -9.03
CA THR A 475 36.49 1.57 -9.69
C THR A 475 36.53 2.82 -8.82
N ASN A 476 35.94 3.91 -9.33
CA ASN A 476 35.91 5.17 -8.60
C ASN A 476 35.25 5.05 -7.22
N GLN A 477 34.07 4.45 -7.20
CA GLN A 477 33.30 4.29 -5.97
C GLN A 477 34.10 3.51 -4.92
N LYS A 478 34.69 2.42 -5.35
CA LYS A 478 35.50 1.58 -4.46
C LYS A 478 36.70 2.34 -3.91
N THR A 479 37.28 3.22 -4.71
CA THR A 479 38.45 3.97 -4.27
C THR A 479 38.08 5.11 -3.34
N GLU A 480 36.90 5.70 -3.52
CA GLU A 480 36.43 6.74 -2.61
C GLU A 480 36.07 6.13 -1.24
N LEU A 481 35.35 5.01 -1.29
CA LEU A 481 35.08 4.24 -0.08
C LEU A 481 36.39 3.85 0.61
N GLN A 482 37.36 3.41 -0.18
CA GLN A 482 38.66 3.00 0.35
C GLN A 482 39.38 4.18 1.00
N ALA A 483 39.26 5.36 0.39
CA ALA A 483 39.88 6.55 0.93
C ALA A 483 39.28 6.88 2.29
N ILE A 484 37.95 6.88 2.37
CA ILE A 484 37.30 7.12 3.65
C ILE A 484 37.76 6.10 4.70
N TYR A 485 37.77 4.83 4.32
CA TYR A 485 38.22 3.76 5.21
C TYR A 485 39.65 3.99 5.71
N LEU A 486 40.51 4.48 4.83
CA LEU A 486 41.88 4.83 5.19
C LEU A 486 41.88 5.94 6.24
N ALA A 487 41.05 6.96 6.00
CA ALA A 487 40.93 8.06 6.96
C ALA A 487 40.47 7.56 8.32
N LEU A 488 39.57 6.58 8.33
CA LEU A 488 39.08 6.03 9.59
C LEU A 488 40.14 5.20 10.30
N GLN A 489 40.92 4.44 9.55
CA GLN A 489 41.95 3.58 10.13
C GLN A 489 43.04 4.35 10.87
N ASP A 490 43.48 5.47 10.29
CA ASP A 490 44.65 6.15 10.81
C ASP A 490 44.34 7.40 11.61
N SER A 491 43.14 7.46 12.19
CA SER A 491 42.72 8.65 12.93
C SER A 491 42.32 8.31 14.36
N GLY A 492 42.24 9.34 15.21
CA GLY A 492 41.96 9.14 16.61
C GLY A 492 40.50 8.82 16.90
N LEU A 493 40.10 9.01 18.16
CA LEU A 493 38.73 8.72 18.58
C LEU A 493 37.74 9.72 18.00
N GLU A 494 38.23 10.93 17.70
CA GLU A 494 37.42 11.98 17.09
C GLU A 494 38.04 12.46 15.80
N VAL A 495 37.24 12.57 14.74
CA VAL A 495 37.77 12.95 13.44
C VAL A 495 36.74 13.63 12.54
N ASN A 496 37.20 14.65 11.81
CA ASN A 496 36.41 15.23 10.73
C ASN A 496 36.88 14.65 9.40
N ILE A 497 35.94 14.40 8.49
CA ILE A 497 36.30 13.86 7.18
C ILE A 497 35.63 14.61 6.04
N VAL A 498 36.44 15.09 5.10
CA VAL A 498 35.93 15.77 3.92
C VAL A 498 36.05 14.86 2.69
N THR A 499 34.96 14.73 1.95
CA THR A 499 34.94 13.93 0.73
C THR A 499 34.17 14.63 -0.37
N ASP A 500 34.46 14.27 -1.63
CA ASP A 500 33.74 14.84 -2.77
C ASP A 500 32.77 13.82 -3.35
N SER A 501 32.76 12.64 -2.76
CA SER A 501 31.94 11.54 -3.25
C SER A 501 30.50 11.61 -2.75
N GLN A 502 29.56 11.86 -3.67
CA GLN A 502 28.15 11.83 -3.33
C GLN A 502 27.71 10.38 -3.08
N TYR A 503 28.42 9.44 -3.70
CA TYR A 503 28.13 8.01 -3.53
C TYR A 503 28.38 7.55 -2.09
N ALA A 504 29.60 7.78 -1.60
CA ALA A 504 29.98 7.35 -0.27
C ALA A 504 29.12 8.01 0.80
N LEU A 505 28.91 9.31 0.64
CA LEU A 505 28.06 10.05 1.56
C LEU A 505 26.64 9.51 1.50
N GLY A 506 26.21 9.10 0.31
CA GLY A 506 24.90 8.53 0.13
C GLY A 506 24.74 7.21 0.88
N ILE A 507 25.79 6.39 0.85
CA ILE A 507 25.78 5.12 1.55
C ILE A 507 25.79 5.32 3.07
N ILE A 508 26.65 6.21 3.54
CA ILE A 508 26.81 6.41 4.97
C ILE A 508 25.62 7.15 5.59
N GLN A 509 24.94 7.97 4.79
CA GLN A 509 23.75 8.68 5.27
C GLN A 509 22.52 7.76 5.33
N ALA A 510 22.68 6.53 4.86
CA ALA A 510 21.61 5.54 4.95
C ALA A 510 21.78 4.73 6.23
N GLN A 511 22.94 4.88 6.86
CA GLN A 511 23.27 4.24 8.14
C GLN A 511 23.07 2.73 8.16
N PRO A 512 23.74 1.99 7.26
CA PRO A 512 23.63 0.54 7.39
C PRO A 512 24.47 0.02 8.55
N ASP A 513 24.00 -1.00 9.27
CA ASP A 513 24.88 -1.66 10.23
C ASP A 513 25.49 -2.92 9.62
N LYS A 514 25.06 -3.24 8.41
CA LYS A 514 25.59 -4.38 7.67
C LYS A 514 25.46 -4.15 6.17
N SER A 515 26.38 -4.72 5.40
CA SER A 515 26.37 -4.53 3.96
C SER A 515 26.85 -5.76 3.20
N GLU A 516 26.50 -5.83 1.92
CA GLU A 516 26.94 -6.92 1.06
C GLU A 516 28.41 -6.75 0.71
N SER A 517 28.83 -5.51 0.52
CA SER A 517 30.22 -5.18 0.20
C SER A 517 31.10 -5.20 1.45
N GLU A 518 32.19 -5.97 1.39
CA GLU A 518 33.09 -6.13 2.53
C GLU A 518 33.71 -4.82 2.97
N LEU A 519 34.01 -3.96 2.00
CA LEU A 519 34.62 -2.67 2.28
C LEU A 519 33.70 -1.82 3.16
N VAL A 520 32.42 -1.78 2.80
CA VAL A 520 31.43 -1.03 3.56
C VAL A 520 31.34 -1.59 4.99
N ASN A 521 31.36 -2.91 5.11
CA ASN A 521 31.31 -3.54 6.43
C ASN A 521 32.53 -3.17 7.28
N GLN A 522 33.68 -3.08 6.64
CA GLN A 522 34.90 -2.68 7.33
C GLN A 522 34.81 -1.23 7.80
N ILE A 523 34.26 -0.37 6.94
CA ILE A 523 34.04 1.03 7.30
C ILE A 523 33.09 1.15 8.49
N ILE A 524 32.02 0.36 8.48
CA ILE A 524 31.09 0.29 9.60
C ILE A 524 31.82 -0.12 10.88
N GLU A 525 32.62 -1.18 10.78
CA GLU A 525 33.43 -1.65 11.89
C GLU A 525 34.35 -0.56 12.43
N GLN A 526 34.80 0.32 11.54
CA GLN A 526 35.64 1.44 11.95
C GLN A 526 34.82 2.50 12.68
N LEU A 527 33.66 2.82 12.13
CA LEU A 527 32.77 3.83 12.71
C LEU A 527 32.31 3.45 14.11
N ILE A 528 32.04 2.16 14.30
CA ILE A 528 31.61 1.66 15.61
C ILE A 528 32.65 1.94 16.70
N LYS A 529 33.93 1.90 16.32
CA LYS A 529 35.01 2.12 17.28
C LYS A 529 35.22 3.60 17.60
N LYS A 530 34.65 4.48 16.76
CA LYS A 530 34.85 5.92 16.91
C LYS A 530 33.98 6.53 18.00
N GLU A 531 34.43 7.65 18.54
CA GLU A 531 33.64 8.40 19.51
C GLU A 531 32.80 9.48 18.79
N LYS A 532 33.48 10.35 18.05
CA LYS A 532 32.81 11.39 17.27
C LYS A 532 33.31 11.41 15.83
N VAL A 533 32.38 11.37 14.88
CA VAL A 533 32.73 11.45 13.46
C VAL A 533 31.86 12.46 12.73
N TYR A 534 32.50 13.47 12.15
CA TYR A 534 31.81 14.43 11.29
C TYR A 534 32.19 14.22 9.83
N LEU A 535 31.19 14.00 8.98
CA LEU A 535 31.42 13.68 7.58
C LEU A 535 30.92 14.80 6.66
N ALA A 536 31.85 15.63 6.19
CA ALA A 536 31.52 16.76 5.34
C ALA A 536 31.59 16.41 3.85
N TRP A 537 30.96 17.22 3.02
CA TRP A 537 30.98 17.01 1.57
C TRP A 537 31.27 18.30 0.82
N VAL A 538 32.06 18.19 -0.25
CA VAL A 538 32.34 19.31 -1.13
C VAL A 538 32.23 18.87 -2.59
N PRO A 539 31.95 19.82 -3.49
CA PRO A 539 31.96 19.49 -4.93
C PRO A 539 33.38 19.24 -5.45
N ALA A 540 33.52 18.24 -6.33
CA ALA A 540 34.82 17.89 -6.89
C ALA A 540 35.24 18.84 -8.00
N HIS A 541 36.55 18.96 -8.20
CA HIS A 541 37.16 19.71 -9.30
C HIS A 541 36.77 21.19 -9.29
N LYS A 542 36.40 21.69 -8.12
CA LYS A 542 36.06 23.10 -7.97
C LYS A 542 37.27 23.88 -7.49
N GLY A 543 38.39 23.18 -7.35
CA GLY A 543 39.61 23.80 -6.89
C GLY A 543 39.57 24.06 -5.40
N ILE A 544 38.82 23.23 -4.69
CA ILE A 544 38.73 23.34 -3.24
C ILE A 544 39.97 22.73 -2.60
N GLY A 545 40.68 23.54 -1.83
CA GLY A 545 41.95 23.14 -1.26
C GLY A 545 41.85 22.01 -0.26
N GLY A 546 42.88 21.18 -0.24
CA GLY A 546 42.93 20.02 0.63
C GLY A 546 42.31 18.83 -0.05
N ASN A 547 41.45 19.09 -1.02
CA ASN A 547 40.82 18.02 -1.80
C ASN A 547 41.66 17.79 -3.05
N GLU A 548 42.35 16.65 -3.11
N GLU A 548 42.32 16.64 -3.10
CA GLU A 548 43.27 16.39 -4.20
CA GLU A 548 43.26 16.35 -4.18
C GLU A 548 42.82 15.23 -5.09
C GLU A 548 42.76 15.21 -5.09
N GLN A 549 42.38 15.57 -6.30
CA GLN A 549 42.03 14.57 -7.30
C GLN A 549 43.28 14.26 -8.11
N VAL A 550 44.32 15.08 -7.90
CA VAL A 550 45.54 15.02 -8.69
C VAL A 550 46.47 13.90 -8.26
N ASP A 551 46.34 13.45 -7.01
CA ASP A 551 47.19 12.37 -6.49
C ASP A 551 46.75 11.01 -7.01
N LYS A 552 45.44 10.85 -7.22
CA LYS A 552 44.90 9.56 -7.64
C LYS A 552 44.71 9.46 -9.17
N LEU A 553 44.97 10.55 -9.87
CA LEU A 553 44.83 10.58 -11.32
C LEU A 553 46.04 9.97 -12.04
N VAL A 554 47.17 9.88 -11.33
CA VAL A 554 48.39 9.33 -11.91
C VAL A 554 48.29 7.81 -12.05
N ILE B 5 -32.32 15.76 -12.96
CA ILE B 5 -33.49 14.92 -12.82
C ILE B 5 -33.48 13.82 -13.89
N GLU B 6 -32.68 14.02 -14.93
CA GLU B 6 -32.55 13.04 -16.00
C GLU B 6 -31.09 12.66 -16.21
N THR B 7 -30.84 11.37 -16.44
CA THR B 7 -29.48 10.85 -16.52
C THR B 7 -28.78 11.17 -17.85
N VAL B 8 -27.64 11.84 -17.76
CA VAL B 8 -26.79 12.10 -18.93
C VAL B 8 -25.87 10.90 -19.17
N PRO B 9 -25.87 10.37 -20.40
CA PRO B 9 -25.08 9.18 -20.74
C PRO B 9 -23.58 9.35 -20.47
N VAL B 10 -23.01 8.38 -19.77
CA VAL B 10 -21.58 8.39 -19.46
C VAL B 10 -20.94 7.09 -19.90
N LYS B 11 -19.78 7.18 -20.55
CA LYS B 11 -19.08 6.00 -21.03
C LYS B 11 -17.64 5.98 -20.53
N LEU B 12 -16.86 5.04 -21.02
CA LEU B 12 -15.46 4.94 -20.65
C LEU B 12 -14.55 5.30 -21.82
N LYS B 13 -13.24 5.24 -21.58
CA LYS B 13 -12.25 5.55 -22.60
C LYS B 13 -12.24 4.48 -23.69
N PRO B 14 -11.59 4.77 -24.84
CA PRO B 14 -11.59 3.81 -25.95
C PRO B 14 -10.76 2.56 -25.69
N GLY B 15 -11.38 1.58 -25.03
CA GLY B 15 -10.73 0.30 -24.79
C GLY B 15 -10.26 0.05 -23.37
N MET B 16 -10.70 0.90 -22.43
CA MET B 16 -10.38 0.68 -21.03
C MET B 16 -11.56 0.06 -20.28
N ASP B 17 -11.33 -1.11 -19.69
CA ASP B 17 -12.34 -1.82 -18.92
C ASP B 17 -12.52 -1.19 -17.54
N GLY B 18 -13.69 -1.39 -16.94
CA GLY B 18 -13.99 -0.84 -15.63
C GLY B 18 -13.01 -1.29 -14.55
N PRO B 19 -12.88 -0.49 -13.48
CA PRO B 19 -11.87 -0.75 -12.46
C PRO B 19 -12.09 -2.02 -11.64
N LYS B 20 -11.08 -2.85 -11.56
CA LYS B 20 -11.06 -3.94 -10.58
C LYS B 20 -9.91 -3.70 -9.63
N VAL B 21 -10.21 -3.28 -8.41
CA VAL B 21 -9.17 -2.94 -7.46
C VAL B 21 -9.41 -3.60 -6.10
N LYS B 22 -8.36 -4.18 -5.54
CA LYS B 22 -8.45 -4.86 -4.27
C LYS B 22 -8.82 -3.92 -3.13
N GLN B 23 -9.84 -4.31 -2.37
CA GLN B 23 -10.18 -3.61 -1.13
C GLN B 23 -9.14 -3.93 -0.07
N TRP B 24 -8.55 -2.91 0.53
CA TRP B 24 -7.56 -3.13 1.58
C TRP B 24 -8.23 -3.30 2.94
N PRO B 25 -7.58 -4.03 3.86
CA PRO B 25 -8.13 -4.34 5.20
C PRO B 25 -8.56 -3.11 5.99
N LEU B 26 -9.69 -3.22 6.70
CA LEU B 26 -10.19 -2.13 7.53
C LEU B 26 -10.34 -2.59 8.99
N THR B 27 -10.12 -1.68 9.92
CA THR B 27 -10.29 -1.98 11.34
C THR B 27 -11.77 -2.19 11.64
N GLU B 28 -12.06 -2.74 12.82
CA GLU B 28 -13.44 -3.10 13.15
C GLU B 28 -14.37 -1.89 13.25
N GLU B 29 -13.91 -0.82 13.89
CA GLU B 29 -14.73 0.36 14.09
C GLU B 29 -15.11 1.01 12.76
N LYS B 30 -14.18 1.03 11.82
CA LYS B 30 -14.42 1.61 10.51
C LYS B 30 -15.42 0.76 9.73
N ILE B 31 -15.32 -0.56 9.87
CA ILE B 31 -16.27 -1.47 9.25
C ILE B 31 -17.68 -1.25 9.80
N LYS B 32 -17.78 -1.10 11.13
CA LYS B 32 -19.06 -0.78 11.76
C LYS B 32 -19.65 0.51 11.21
N ALA B 33 -18.84 1.56 11.22
CA ALA B 33 -19.26 2.87 10.72
C ALA B 33 -19.76 2.77 9.29
N LEU B 34 -19.03 2.06 8.45
CA LEU B 34 -19.42 1.89 7.05
C LEU B 34 -20.70 1.09 6.92
N VAL B 35 -20.92 0.13 7.82
CA VAL B 35 -22.14 -0.67 7.79
C VAL B 35 -23.35 0.19 8.09
N GLU B 36 -23.25 0.97 9.17
CA GLU B 36 -24.33 1.87 9.56
C GLU B 36 -24.62 2.89 8.45
N ILE B 37 -23.57 3.60 8.02
CA ILE B 37 -23.67 4.61 6.98
C ILE B 37 -24.28 4.05 5.70
N CYS B 38 -23.78 2.92 5.23
CA CYS B 38 -24.27 2.34 3.98
C CYS B 38 -25.67 1.75 4.12
N THR B 39 -26.06 1.40 5.34
CA THR B 39 -27.44 1.00 5.58
C THR B 39 -28.35 2.21 5.40
N GLU B 40 -27.95 3.33 6.01
CA GLU B 40 -28.70 4.57 5.88
C GLU B 40 -28.78 5.04 4.42
N MET B 41 -27.70 4.85 3.67
CA MET B 41 -27.66 5.24 2.27
C MET B 41 -28.48 4.29 1.42
N GLU B 42 -28.57 3.03 1.84
CA GLU B 42 -29.38 2.05 1.13
C GLU B 42 -30.87 2.37 1.32
N LYS B 43 -31.21 2.86 2.51
CA LYS B 43 -32.59 3.25 2.78
C LYS B 43 -33.03 4.44 1.94
N GLU B 44 -32.07 5.27 1.51
CA GLU B 44 -32.38 6.49 0.77
C GLU B 44 -32.11 6.33 -0.73
N GLY B 45 -31.96 5.10 -1.18
CA GLY B 45 -31.78 4.81 -2.60
C GLY B 45 -30.48 5.29 -3.20
N LYS B 46 -29.58 5.82 -2.36
CA LYS B 46 -28.31 6.34 -2.84
C LYS B 46 -27.43 5.23 -3.40
N ILE B 47 -27.51 4.05 -2.77
CA ILE B 47 -26.80 2.87 -3.26
C ILE B 47 -27.69 1.64 -3.19
N SER B 48 -27.30 0.58 -3.90
CA SER B 48 -28.06 -0.66 -3.90
C SER B 48 -27.16 -1.88 -4.00
N LYS B 49 -27.57 -2.96 -3.34
CA LYS B 49 -26.78 -4.19 -3.33
C LYS B 49 -26.74 -4.81 -4.72
N ILE B 50 -25.67 -5.55 -5.00
CA ILE B 50 -25.47 -6.16 -6.30
C ILE B 50 -25.05 -7.61 -6.18
N GLY B 51 -25.07 -8.33 -7.31
CA GLY B 51 -24.71 -9.73 -7.32
C GLY B 51 -23.32 -9.98 -7.89
N PRO B 52 -22.97 -11.26 -8.06
CA PRO B 52 -21.66 -11.71 -8.56
C PRO B 52 -21.41 -11.36 -10.02
N GLU B 53 -22.46 -11.00 -10.76
CA GLU B 53 -22.33 -10.62 -12.16
C GLU B 53 -21.53 -9.33 -12.34
N ASN B 54 -21.23 -8.67 -11.22
CA ASN B 54 -20.42 -7.46 -11.23
C ASN B 54 -18.99 -7.79 -10.79
N PRO B 55 -18.06 -7.83 -11.76
CA PRO B 55 -16.63 -8.08 -11.52
C PRO B 55 -15.90 -6.88 -10.90
N TYR B 56 -16.39 -5.68 -11.17
CA TYR B 56 -15.66 -4.45 -10.84
C TYR B 56 -15.73 -4.11 -9.35
N ASN B 57 -14.64 -3.57 -8.84
CA ASN B 57 -14.59 -3.11 -7.45
C ASN B 57 -13.71 -1.89 -7.25
N THR B 58 -14.17 -0.98 -6.40
CA THR B 58 -13.41 0.22 -6.06
C THR B 58 -13.24 0.26 -4.54
N PRO B 59 -12.03 0.64 -4.06
CA PRO B 59 -11.75 0.67 -2.62
C PRO B 59 -12.58 1.71 -1.87
N VAL B 60 -12.74 1.49 -0.56
CA VAL B 60 -13.55 2.37 0.28
C VAL B 60 -13.10 2.29 1.73
N PHE B 61 -13.00 3.44 2.40
CA PHE B 61 -12.70 3.44 3.82
C PHE B 61 -13.43 4.57 4.55
N ALA B 62 -13.08 4.78 5.82
CA ALA B 62 -13.82 5.72 6.66
C ALA B 62 -12.89 6.72 7.35
N ILE B 63 -13.32 7.97 7.40
CA ILE B 63 -12.51 9.04 7.98
C ILE B 63 -13.30 9.88 8.97
N LYS B 64 -12.67 10.96 9.43
CA LYS B 64 -13.31 11.94 10.30
C LYS B 64 -12.82 13.34 9.96
N LYS B 65 -13.73 14.19 9.48
CA LYS B 65 -13.37 15.55 9.11
C LYS B 65 -13.26 16.46 10.33
N SER B 68 -15.32 17.39 13.83
CA SER B 68 -16.49 16.52 13.68
C SER B 68 -16.17 15.09 14.09
N THR B 69 -17.02 14.51 14.92
CA THR B 69 -16.84 13.14 15.41
C THR B 69 -17.60 12.12 14.57
N LYS B 70 -18.36 12.60 13.59
CA LYS B 70 -19.15 11.73 12.73
C LYS B 70 -18.30 11.10 11.62
N TRP B 71 -18.34 9.77 11.54
CA TRP B 71 -17.60 9.05 10.51
C TRP B 71 -18.08 9.42 9.11
N ARG B 72 -17.12 9.72 8.23
CA ARG B 72 -17.46 10.01 6.84
C ARG B 72 -16.99 8.86 5.96
N LYS B 73 -17.72 8.62 4.88
CA LYS B 73 -17.37 7.56 3.94
C LYS B 73 -16.53 8.12 2.80
N LEU B 74 -15.36 7.53 2.58
CA LEU B 74 -14.45 7.99 1.54
C LEU B 74 -14.22 6.87 0.52
N VAL B 75 -14.36 7.21 -0.76
CA VAL B 75 -14.15 6.23 -1.83
C VAL B 75 -12.93 6.57 -2.68
N ASP B 76 -12.05 5.59 -2.86
CA ASP B 76 -10.83 5.77 -3.64
C ASP B 76 -11.13 5.66 -5.13
N PHE B 77 -11.63 6.74 -5.71
CA PHE B 77 -12.07 6.74 -7.11
C PHE B 77 -10.94 7.01 -8.10
N ARG B 78 -9.69 6.86 -7.67
CA ARG B 78 -8.54 7.14 -8.52
C ARG B 78 -8.54 6.33 -9.81
N GLU B 79 -8.65 5.01 -9.68
CA GLU B 79 -8.67 4.12 -10.84
C GLU B 79 -9.87 4.41 -11.73
N LEU B 80 -11.04 4.61 -11.13
CA LEU B 80 -12.23 4.93 -11.89
C LEU B 80 -12.09 6.29 -12.59
N ASN B 81 -11.51 7.26 -11.90
CA ASN B 81 -11.29 8.59 -12.49
C ASN B 81 -10.36 8.54 -13.69
N LYS B 82 -9.26 7.79 -13.58
CA LYS B 82 -8.32 7.71 -14.69
C LYS B 82 -8.87 6.83 -15.81
N ARG B 83 -9.82 5.96 -15.49
CA ARG B 83 -10.46 5.12 -16.50
C ARG B 83 -11.70 5.79 -17.08
N THR B 84 -12.26 6.74 -16.35
CA THR B 84 -13.42 7.50 -16.85
C THR B 84 -12.98 8.36 -18.02
N GLN B 85 -13.83 8.41 -19.05
CA GLN B 85 -13.54 9.20 -20.24
C GLN B 85 -13.37 10.68 -19.91
N ASP B 86 -12.55 11.36 -20.69
CA ASP B 86 -12.30 12.78 -20.47
C ASP B 86 -13.56 13.60 -20.70
N PHE B 87 -13.93 14.40 -19.70
CA PHE B 87 -15.12 15.22 -19.79
C PHE B 87 -14.79 16.64 -20.26
N PRO B 95 -11.46 25.74 -17.37
CA PRO B 95 -11.37 27.19 -17.41
C PRO B 95 -10.90 27.76 -16.07
N HIS B 96 -9.66 27.48 -15.70
CA HIS B 96 -9.15 27.85 -14.39
C HIS B 96 -9.10 29.35 -14.17
N PRO B 97 -9.76 29.81 -13.10
CA PRO B 97 -9.79 31.21 -12.67
C PRO B 97 -8.48 31.66 -12.02
N ALA B 98 -7.52 32.06 -12.85
CA ALA B 98 -6.18 32.43 -12.38
C ALA B 98 -6.20 33.60 -11.39
N GLY B 99 -7.34 34.28 -11.27
CA GLY B 99 -7.50 35.34 -10.31
C GLY B 99 -7.85 34.82 -8.92
N LEU B 100 -7.92 33.50 -8.78
CA LEU B 100 -8.25 32.89 -7.49
C LEU B 100 -7.04 32.89 -6.56
N LYS B 101 -5.85 32.75 -7.13
CA LYS B 101 -4.62 32.71 -6.34
C LYS B 101 -4.14 34.11 -5.97
N LYS B 102 -4.73 35.12 -6.60
CA LYS B 102 -4.35 36.50 -6.35
C LYS B 102 -5.24 37.16 -5.30
N LYS B 103 -6.23 36.42 -4.83
CA LYS B 103 -7.20 36.97 -3.88
C LYS B 103 -6.65 37.02 -2.45
N LYS B 104 -7.19 37.94 -1.67
CA LYS B 104 -6.77 38.13 -0.29
C LYS B 104 -7.08 36.89 0.57
N SER B 105 -8.28 36.34 0.42
CA SER B 105 -8.66 35.17 1.19
C SER B 105 -9.48 34.18 0.38
N VAL B 106 -9.40 32.90 0.74
CA VAL B 106 -10.14 31.84 0.06
C VAL B 106 -10.70 30.84 1.08
N THR B 107 -12.00 30.55 0.98
CA THR B 107 -12.65 29.60 1.87
C THR B 107 -13.18 28.39 1.10
N VAL B 108 -12.92 27.21 1.64
CA VAL B 108 -13.35 25.96 1.00
C VAL B 108 -14.59 25.38 1.67
N LEU B 109 -15.57 24.99 0.85
CA LEU B 109 -16.82 24.43 1.35
C LEU B 109 -17.04 23.02 0.82
N ASP B 110 -17.84 22.23 1.53
CA ASP B 110 -18.13 20.86 1.11
C ASP B 110 -19.53 20.77 0.53
N VAL B 111 -19.62 20.87 -0.80
CA VAL B 111 -20.91 20.88 -1.49
C VAL B 111 -21.26 19.50 -2.04
N GLY B 112 -20.66 18.47 -1.46
CA GLY B 112 -20.89 17.10 -1.89
C GLY B 112 -22.31 16.61 -1.66
N ASP B 113 -22.94 17.16 -0.61
CA ASP B 113 -24.29 16.75 -0.24
C ASP B 113 -25.32 16.93 -1.35
N ALA B 114 -25.01 17.77 -2.33
CA ALA B 114 -25.88 18.01 -3.46
C ALA B 114 -25.77 16.88 -4.50
N TYR B 115 -24.57 16.36 -4.68
CA TYR B 115 -24.29 15.32 -5.68
C TYR B 115 -25.22 14.11 -5.59
N PHE B 116 -25.78 13.86 -4.41
CA PHE B 116 -26.63 12.69 -4.21
C PHE B 116 -28.08 12.92 -4.63
N SER B 117 -28.36 14.09 -5.20
CA SER B 117 -29.71 14.41 -5.69
C SER B 117 -29.84 14.12 -7.18
N VAL B 118 -28.72 13.86 -7.84
CA VAL B 118 -28.71 13.58 -9.28
C VAL B 118 -28.53 12.09 -9.58
N PRO B 119 -29.47 11.51 -10.34
CA PRO B 119 -29.38 10.09 -10.72
C PRO B 119 -28.23 9.82 -11.70
N LEU B 120 -27.67 8.61 -11.62
CA LEU B 120 -26.52 8.23 -12.44
C LEU B 120 -26.97 7.35 -13.61
N ASP B 121 -26.27 7.49 -14.74
CA ASP B 121 -26.55 6.69 -15.93
C ASP B 121 -26.51 5.20 -15.58
N GLU B 122 -27.58 4.49 -15.95
CA GLU B 122 -27.76 3.09 -15.58
C GLU B 122 -26.62 2.17 -16.03
N ASP B 123 -25.99 2.52 -17.15
CA ASP B 123 -24.94 1.69 -17.73
C ASP B 123 -23.60 1.85 -17.02
N PHE B 124 -23.45 2.94 -16.27
CA PHE B 124 -22.16 3.26 -15.68
C PHE B 124 -22.07 2.83 -14.22
N ARG B 125 -23.22 2.52 -13.62
CA ARG B 125 -23.29 2.18 -12.20
C ARG B 125 -22.43 0.98 -11.83
N LYS B 126 -22.35 0.02 -12.74
CA LYS B 126 -21.60 -1.22 -12.51
C LYS B 126 -20.11 -0.93 -12.28
N TYR B 127 -19.65 0.23 -12.71
CA TYR B 127 -18.24 0.60 -12.57
C TYR B 127 -17.96 1.25 -11.23
N THR B 128 -19.02 1.69 -10.55
CA THR B 128 -18.87 2.34 -9.25
C THR B 128 -19.11 1.34 -8.11
N ALA B 129 -18.85 0.07 -8.37
CA ALA B 129 -19.10 -0.98 -7.39
C ALA B 129 -18.02 -1.00 -6.31
N PHE B 130 -18.45 -1.16 -5.06
CA PHE B 130 -17.48 -1.26 -3.97
C PHE B 130 -17.89 -2.31 -2.94
N THR B 131 -16.94 -2.67 -2.07
CA THR B 131 -17.16 -3.74 -1.11
C THR B 131 -16.82 -3.32 0.31
N ILE B 132 -17.79 -3.45 1.22
CA ILE B 132 -17.51 -3.36 2.65
C ILE B 132 -16.97 -4.72 3.09
N PRO B 133 -15.74 -4.73 3.61
CA PRO B 133 -15.07 -5.99 3.92
C PRO B 133 -15.46 -6.56 5.27
N SER B 134 -15.19 -7.84 5.49
CA SER B 134 -15.47 -8.48 6.76
C SER B 134 -14.17 -8.88 7.45
N ILE B 135 -14.20 -8.90 8.77
CA ILE B 135 -13.03 -9.28 9.56
C ILE B 135 -12.77 -10.79 9.43
N ASN B 136 -11.51 -11.14 9.21
CA ASN B 136 -11.06 -12.53 9.15
C ASN B 136 -11.78 -13.34 8.06
N ASN B 137 -12.36 -12.65 7.09
CA ASN B 137 -13.04 -13.29 5.97
C ASN B 137 -14.10 -14.31 6.38
N GLU B 138 -14.75 -14.06 7.52
CA GLU B 138 -15.72 -14.98 8.07
C GLU B 138 -17.01 -14.99 7.26
N THR B 139 -17.28 -13.88 6.58
CA THR B 139 -18.43 -13.77 5.69
C THR B 139 -18.02 -13.03 4.43
N PRO B 140 -18.75 -13.24 3.33
CA PRO B 140 -18.49 -12.45 2.13
C PRO B 140 -18.73 -10.97 2.39
N GLY B 141 -17.97 -10.10 1.72
CA GLY B 141 -18.14 -8.68 1.87
C GLY B 141 -19.46 -8.20 1.30
N ILE B 142 -19.96 -7.10 1.82
CA ILE B 142 -21.21 -6.51 1.33
C ILE B 142 -20.93 -5.61 0.13
N ARG B 143 -21.42 -5.98 -1.04
CA ARG B 143 -21.15 -5.20 -2.25
C ARG B 143 -22.28 -4.25 -2.58
N TYR B 144 -21.92 -3.01 -2.89
CA TYR B 144 -22.90 -2.01 -3.31
C TYR B 144 -22.52 -1.40 -4.65
N GLN B 145 -23.50 -0.76 -5.28
CA GLN B 145 -23.25 0.11 -6.42
C GLN B 145 -24.00 1.42 -6.23
N TYR B 146 -23.47 2.49 -6.81
CA TYR B 146 -24.08 3.80 -6.70
C TYR B 146 -25.19 4.00 -7.71
N ASN B 147 -26.29 4.59 -7.25
CA ASN B 147 -27.41 4.93 -8.12
C ASN B 147 -27.40 6.42 -8.45
N VAL B 148 -26.76 7.20 -7.57
CA VAL B 148 -26.61 8.63 -7.78
C VAL B 148 -25.14 8.98 -7.99
N LEU B 149 -24.85 10.27 -8.16
CA LEU B 149 -23.49 10.71 -8.37
C LEU B 149 -22.65 10.57 -7.10
N PRO B 150 -21.61 9.72 -7.16
CA PRO B 150 -20.72 9.49 -6.02
C PRO B 150 -19.74 10.63 -5.78
N GLN B 151 -19.47 10.94 -4.51
CA GLN B 151 -18.43 11.89 -4.16
C GLN B 151 -17.07 11.26 -4.40
N GLY B 152 -16.15 12.02 -4.98
CA GLY B 152 -14.83 11.53 -5.28
C GLY B 152 -14.62 11.21 -6.75
N TRP B 153 -15.72 11.08 -7.48
CA TRP B 153 -15.66 10.86 -8.92
C TRP B 153 -15.48 12.18 -9.65
N LYS B 154 -14.63 12.19 -10.66
CA LYS B 154 -14.34 13.42 -11.39
C LYS B 154 -15.50 13.82 -12.31
N GLY B 155 -16.37 12.87 -12.61
CA GLY B 155 -17.49 13.12 -13.48
C GLY B 155 -18.65 13.80 -12.78
N SER B 156 -18.67 13.71 -11.44
CA SER B 156 -19.74 14.30 -10.65
C SER B 156 -19.76 15.84 -10.70
N PRO B 157 -18.61 16.51 -10.50
CA PRO B 157 -18.68 17.97 -10.65
C PRO B 157 -18.90 18.39 -12.10
N ALA B 158 -18.39 17.60 -13.04
CA ALA B 158 -18.54 17.90 -14.46
C ALA B 158 -20.00 17.82 -14.88
N ILE B 159 -20.73 16.90 -14.30
CA ILE B 159 -22.14 16.72 -14.58
C ILE B 159 -22.99 17.77 -13.84
N PHE B 160 -22.65 18.01 -12.57
CA PHE B 160 -23.41 18.96 -11.76
C PHE B 160 -23.02 20.41 -12.04
N GLN B 161 -22.10 20.60 -12.98
CA GLN B 161 -21.55 21.93 -13.28
C GLN B 161 -22.62 22.95 -13.68
N SER B 162 -23.54 22.53 -14.54
CA SER B 162 -24.61 23.40 -15.01
C SER B 162 -25.56 23.81 -13.88
N SER B 163 -25.97 22.82 -13.10
CA SER B 163 -26.85 23.07 -11.95
C SER B 163 -26.18 24.01 -10.96
N MET B 164 -24.91 23.77 -10.70
CA MET B 164 -24.13 24.62 -9.80
C MET B 164 -24.06 26.05 -10.31
N THR B 165 -23.93 26.19 -11.63
CA THR B 165 -23.92 27.50 -12.26
C THR B 165 -25.26 28.22 -12.03
N LYS B 166 -26.35 27.50 -12.29
CA LYS B 166 -27.69 28.07 -12.12
C LYS B 166 -28.00 28.42 -10.67
N ILE B 167 -27.39 27.69 -9.74
CA ILE B 167 -27.58 27.97 -8.31
C ILE B 167 -26.76 29.17 -7.88
N LEU B 168 -25.54 29.28 -8.39
CA LEU B 168 -24.61 30.32 -7.97
C LEU B 168 -24.70 31.59 -8.82
N GLU B 169 -25.63 31.63 -9.76
CA GLU B 169 -25.81 32.80 -10.63
C GLU B 169 -26.16 34.11 -9.89
N PRO B 170 -27.19 34.10 -9.00
CA PRO B 170 -27.54 35.36 -8.35
C PRO B 170 -26.43 35.91 -7.44
N PHE B 171 -25.75 35.02 -6.73
CA PHE B 171 -24.68 35.43 -5.82
C PHE B 171 -23.51 36.04 -6.58
N LYS B 172 -23.25 35.51 -7.77
CA LYS B 172 -22.16 36.02 -8.61
C LYS B 172 -22.53 37.35 -9.25
N LYS B 173 -23.80 37.48 -9.65
CA LYS B 173 -24.27 38.73 -10.25
C LYS B 173 -24.42 39.85 -9.21
N GLN B 174 -24.63 39.46 -7.95
CA GLN B 174 -24.82 40.43 -6.88
C GLN B 174 -23.55 41.23 -6.62
N ASN B 175 -22.45 40.54 -6.34
CA ASN B 175 -21.18 41.19 -6.05
C ASN B 175 -20.02 40.52 -6.79
N PRO B 176 -19.63 41.07 -7.94
CA PRO B 176 -18.54 40.43 -8.67
C PRO B 176 -17.15 40.89 -8.21
N ASP B 177 -16.94 40.91 -6.90
CA ASP B 177 -15.60 41.00 -6.33
C ASP B 177 -15.14 39.62 -5.88
N ILE B 178 -16.04 38.64 -6.02
CA ILE B 178 -15.81 37.30 -5.49
C ILE B 178 -15.57 36.28 -6.60
N VAL B 179 -14.48 35.54 -6.48
CA VAL B 179 -14.17 34.46 -7.42
C VAL B 179 -14.73 33.15 -6.89
N ILE B 180 -15.32 32.35 -7.76
CA ILE B 180 -15.84 31.04 -7.36
C ILE B 180 -15.30 29.93 -8.26
N TYR B 181 -14.62 28.98 -7.64
CA TYR B 181 -14.09 27.82 -8.35
C TYR B 181 -14.64 26.54 -7.74
N GLN B 182 -14.63 25.46 -8.51
CA GLN B 182 -15.13 24.18 -8.02
C GLN B 182 -14.18 23.06 -8.39
N TYR B 183 -13.81 22.25 -7.40
CA TYR B 183 -12.97 21.08 -7.66
C TYR B 183 -13.49 19.90 -6.86
N MET B 184 -13.89 18.85 -7.56
CA MET B 184 -14.48 17.66 -6.95
C MET B 184 -15.66 18.04 -6.05
N ASP B 185 -15.61 17.59 -4.80
CA ASP B 185 -16.69 17.82 -3.85
C ASP B 185 -16.53 19.16 -3.14
N ASP B 186 -15.49 19.90 -3.49
CA ASP B 186 -15.15 21.13 -2.78
C ASP B 186 -15.40 22.39 -3.61
N LEU B 187 -15.86 23.43 -2.94
CA LEU B 187 -16.18 24.70 -3.56
C LEU B 187 -15.33 25.82 -2.98
N TYR B 188 -14.45 26.38 -3.80
CA TYR B 188 -13.52 27.42 -3.37
C TYR B 188 -14.08 28.83 -3.63
N VAL B 189 -14.06 29.67 -2.60
CA VAL B 189 -14.59 31.03 -2.71
C VAL B 189 -13.55 32.08 -2.29
N GLY B 190 -13.08 32.86 -3.27
CA GLY B 190 -12.08 33.88 -3.03
C GLY B 190 -12.63 35.29 -2.97
N SER B 191 -12.05 36.11 -2.09
CA SER B 191 -12.50 37.49 -1.89
C SER B 191 -11.38 38.38 -1.33
N ASP B 192 -11.70 39.65 -1.16
CA ASP B 192 -10.74 40.63 -0.63
C ASP B 192 -11.26 41.27 0.66
N LEU B 193 -12.30 40.69 1.23
CA LEU B 193 -12.96 41.25 2.40
C LEU B 193 -12.21 41.00 3.71
N GLU B 194 -12.84 41.35 4.82
CA GLU B 194 -12.29 41.14 6.15
C GLU B 194 -12.85 39.85 6.75
N ILE B 195 -12.05 39.16 7.57
CA ILE B 195 -12.37 37.83 8.08
C ILE B 195 -13.76 37.69 8.69
N GLY B 196 -14.21 38.70 9.44
CA GLY B 196 -15.55 38.67 10.01
C GLY B 196 -16.61 38.81 8.94
N GLN B 197 -16.46 39.83 8.11
CA GLN B 197 -17.35 40.06 6.98
C GLN B 197 -17.26 38.90 5.98
N HIS B 198 -16.09 38.27 5.95
CA HIS B 198 -15.86 37.09 5.12
C HIS B 198 -16.70 35.91 5.64
N ARG B 199 -16.73 35.75 6.96
CA ARG B 199 -17.47 34.66 7.58
C ARG B 199 -18.98 34.88 7.51
N THR B 200 -19.41 36.13 7.58
CA THR B 200 -20.82 36.46 7.42
C THR B 200 -21.24 36.26 5.96
N LYS B 201 -20.34 36.60 5.05
CA LYS B 201 -20.57 36.38 3.62
C LYS B 201 -20.64 34.89 3.29
N ILE B 202 -19.82 34.10 3.98
CA ILE B 202 -19.81 32.65 3.80
C ILE B 202 -21.08 32.04 4.39
N GLU B 203 -21.54 32.59 5.51
CA GLU B 203 -22.80 32.15 6.10
C GLU B 203 -23.96 32.45 5.16
N GLU B 204 -23.93 33.65 4.56
CA GLU B 204 -24.99 34.05 3.64
C GLU B 204 -24.96 33.23 2.37
N LEU B 205 -23.77 32.80 1.96
CA LEU B 205 -23.63 31.97 0.77
C LEU B 205 -24.12 30.55 1.06
N ARG B 206 -23.84 30.07 2.27
CA ARG B 206 -24.26 28.75 2.70
C ARG B 206 -25.78 28.67 2.80
N GLN B 207 -26.39 29.69 3.40
CA GLN B 207 -27.84 29.71 3.49
C GLN B 207 -28.47 30.09 2.14
N HIS B 208 -27.65 30.62 1.23
CA HIS B 208 -28.07 30.83 -0.15
C HIS B 208 -28.11 29.50 -0.89
N LEU B 209 -27.22 28.58 -0.49
CA LEU B 209 -27.19 27.25 -1.08
C LEU B 209 -28.19 26.32 -0.39
N LEU B 210 -28.64 26.73 0.79
CA LEU B 210 -29.59 25.94 1.56
C LEU B 210 -31.00 26.06 0.98
N ARG B 211 -31.30 27.21 0.39
CA ARG B 211 -32.63 27.45 -0.17
C ARG B 211 -32.81 26.68 -1.48
N TRP B 212 -31.70 26.33 -2.12
CA TRP B 212 -31.75 25.56 -3.37
C TRP B 212 -31.77 24.06 -3.08
N GLU B 233 -10.39 28.53 5.67
CA GLU B 233 -9.79 29.85 5.82
C GLU B 233 -8.33 29.85 5.38
N LEU B 234 -8.11 30.13 4.11
CA LEU B 234 -6.77 30.18 3.53
C LEU B 234 -6.42 31.59 3.09
N HIS B 235 -5.12 31.89 3.03
CA HIS B 235 -4.67 33.22 2.61
C HIS B 235 -3.63 33.11 1.50
N PRO B 236 -4.09 32.99 0.25
CA PRO B 236 -3.25 32.85 -0.95
C PRO B 236 -2.26 34.00 -1.13
N ASP B 237 -2.62 35.18 -0.65
CA ASP B 237 -1.75 36.35 -0.79
C ASP B 237 -0.59 36.29 0.20
N LYS B 238 -0.68 35.37 1.16
CA LYS B 238 0.35 35.24 2.18
C LYS B 238 1.34 34.12 1.85
N TRP B 239 1.24 33.56 0.65
CA TRP B 239 2.26 32.65 0.15
C TRP B 239 3.09 33.34 -0.94
N THR B 240 4.28 32.81 -1.20
CA THR B 240 5.19 33.36 -2.21
C THR B 240 6.03 32.26 -2.86
N VAL B 241 7.03 32.67 -3.64
CA VAL B 241 8.01 31.73 -4.19
C VAL B 241 9.39 32.02 -3.59
N GLN B 242 9.84 31.12 -2.72
CA GLN B 242 10.98 31.40 -1.84
C GLN B 242 12.31 31.52 -2.58
N PRO B 243 13.05 32.61 -2.30
CA PRO B 243 14.38 32.88 -2.86
C PRO B 243 15.49 32.08 -2.20
N ILE B 244 16.62 31.94 -2.89
CA ILE B 244 17.80 31.31 -2.31
C ILE B 244 18.64 32.34 -1.57
N VAL B 245 18.79 32.15 -0.26
CA VAL B 245 19.56 33.09 0.56
C VAL B 245 20.90 32.50 1.00
N LEU B 246 21.90 33.36 1.08
CA LEU B 246 23.23 32.97 1.51
C LEU B 246 23.53 33.62 2.85
N PRO B 247 24.39 32.99 3.67
CA PRO B 247 24.68 33.52 5.00
C PRO B 247 25.41 34.87 4.97
N GLU B 248 25.18 35.69 5.99
CA GLU B 248 25.94 36.91 6.18
C GLU B 248 26.74 36.82 7.47
N LYS B 249 28.05 36.70 7.34
CA LYS B 249 28.91 36.45 8.50
C LYS B 249 30.09 37.41 8.53
N ASP B 250 30.54 37.74 9.74
CA ASP B 250 31.71 38.59 9.92
C ASP B 250 32.99 37.80 9.76
N SER B 251 32.94 36.53 10.16
CA SER B 251 34.07 35.64 10.01
C SER B 251 33.59 34.29 9.51
N TRP B 252 34.34 33.70 8.58
CA TRP B 252 33.96 32.42 7.99
C TRP B 252 34.95 31.33 8.35
N THR B 253 34.42 30.18 8.77
CA THR B 253 35.26 29.01 8.97
C THR B 253 35.38 28.25 7.66
N VAL B 254 36.36 27.34 7.59
CA VAL B 254 36.54 26.50 6.42
C VAL B 254 35.25 25.74 6.09
N ASN B 255 34.62 25.18 7.12
CA ASN B 255 33.36 24.46 6.95
C ASN B 255 32.27 25.36 6.39
N ASP B 256 32.19 26.58 6.91
CA ASP B 256 31.21 27.57 6.42
C ASP B 256 31.38 27.80 4.91
N ILE B 257 32.62 28.00 4.49
CA ILE B 257 32.92 28.28 3.09
C ILE B 257 32.72 27.05 2.21
N GLN B 258 32.96 25.86 2.76
CA GLN B 258 32.75 24.64 1.99
C GLN B 258 31.27 24.40 1.75
N LYS B 259 30.46 24.67 2.78
CA LYS B 259 29.02 24.59 2.62
C LYS B 259 28.54 25.65 1.64
N LEU B 260 29.11 26.86 1.73
CA LEU B 260 28.73 27.95 0.83
C LEU B 260 29.02 27.58 -0.62
N VAL B 261 30.20 27.02 -0.86
CA VAL B 261 30.60 26.64 -2.21
C VAL B 261 29.73 25.49 -2.72
N GLY B 262 29.39 24.55 -1.85
CA GLY B 262 28.49 23.48 -2.22
C GLY B 262 27.12 23.99 -2.63
N LYS B 263 26.58 24.91 -1.82
CA LYS B 263 25.27 25.49 -2.06
C LYS B 263 25.24 26.32 -3.35
N LEU B 264 26.26 27.13 -3.55
CA LEU B 264 26.37 27.94 -4.77
C LEU B 264 26.54 27.07 -6.00
N ASN B 265 27.31 25.99 -5.86
CA ASN B 265 27.49 25.03 -6.94
C ASN B 265 26.15 24.38 -7.30
N TRP B 266 25.35 24.09 -6.29
CA TRP B 266 23.99 23.59 -6.51
C TRP B 266 23.15 24.63 -7.23
N ALA B 267 23.25 25.88 -6.80
CA ALA B 267 22.45 26.97 -7.36
C ALA B 267 22.86 27.29 -8.80
N SER B 268 24.06 26.88 -9.19
CA SER B 268 24.54 27.11 -10.55
C SER B 268 23.68 26.40 -11.58
N GLN B 269 23.07 25.29 -11.17
CA GLN B 269 22.18 24.53 -12.04
C GLN B 269 20.88 25.31 -12.29
N ILE B 270 20.54 26.21 -11.38
CA ILE B 270 19.30 26.97 -11.47
C ILE B 270 19.54 28.36 -12.07
N TYR B 271 20.66 28.98 -11.72
CA TYR B 271 20.93 30.34 -12.17
C TYR B 271 22.16 30.39 -13.07
N PRO B 272 22.12 31.23 -14.11
CA PRO B 272 23.14 31.29 -15.15
C PRO B 272 24.53 31.77 -14.70
N GLY B 273 24.58 32.84 -13.92
CA GLY B 273 25.83 33.54 -13.71
C GLY B 273 26.58 33.24 -12.43
N ILE B 274 26.17 32.19 -11.72
CA ILE B 274 26.82 31.83 -10.47
C ILE B 274 28.25 31.36 -10.72
N LYS B 275 29.20 31.94 -10.02
CA LYS B 275 30.59 31.49 -10.10
C LYS B 275 31.18 31.40 -8.70
N VAL B 276 32.01 30.40 -8.48
CA VAL B 276 32.53 30.10 -7.14
C VAL B 276 34.05 29.99 -7.07
N ARG B 277 34.74 30.39 -8.14
CA ARG B 277 36.18 30.18 -8.22
C ARG B 277 36.96 31.00 -7.19
N GLN B 278 36.47 32.19 -6.87
CA GLN B 278 37.17 33.08 -5.95
C GLN B 278 36.94 32.66 -4.50
N LEU B 279 35.80 32.02 -4.25
CA LEU B 279 35.50 31.49 -2.92
C LEU B 279 36.26 30.19 -2.68
N SER B 280 36.36 29.37 -3.73
CA SER B 280 37.13 28.14 -3.66
C SER B 280 38.62 28.46 -3.52
N LYS B 281 39.00 29.62 -4.01
CA LYS B 281 40.37 30.11 -3.91
C LYS B 281 40.77 30.30 -2.45
N LEU B 282 39.79 30.56 -1.59
CA LEU B 282 40.04 30.73 -0.16
C LEU B 282 40.34 29.39 0.50
N LEU B 283 39.69 28.35 0.00
CA LEU B 283 39.80 27.03 0.61
C LEU B 283 41.12 26.36 0.28
N ARG B 284 41.90 26.96 -0.62
CA ARG B 284 43.16 26.38 -1.08
C ARG B 284 44.07 26.04 0.11
N GLY B 285 44.72 24.89 0.03
CA GLY B 285 45.55 24.41 1.12
C GLY B 285 44.76 23.47 2.02
N THR B 286 45.45 22.88 2.99
CA THR B 286 44.78 21.96 3.92
C THR B 286 44.64 22.59 5.30
N LYS B 287 43.40 22.90 5.66
CA LYS B 287 43.12 23.59 6.92
C LYS B 287 42.02 22.88 7.71
N ALA B 288 42.05 23.04 9.04
CA ALA B 288 41.03 22.46 9.90
C ALA B 288 39.66 23.09 9.62
N LEU B 289 38.60 22.31 9.80
CA LEU B 289 37.26 22.77 9.48
C LEU B 289 36.81 23.97 10.32
N THR B 290 37.33 24.07 11.54
CA THR B 290 36.91 25.12 12.45
C THR B 290 37.77 26.38 12.35
N GLU B 291 38.80 26.35 11.51
CA GLU B 291 39.69 27.49 11.35
C GLU B 291 39.01 28.62 10.61
N VAL B 292 39.14 29.84 11.12
CA VAL B 292 38.53 31.00 10.51
C VAL B 292 39.37 31.51 9.34
N ILE B 293 38.72 31.70 8.20
CA ILE B 293 39.38 32.22 7.02
C ILE B 293 38.79 33.57 6.63
N PRO B 294 39.61 34.63 6.67
CA PRO B 294 39.15 35.96 6.28
C PRO B 294 38.87 36.04 4.78
N LEU B 295 37.74 36.66 4.42
CA LEU B 295 37.37 36.83 3.02
C LEU B 295 38.26 37.87 2.34
N THR B 296 38.63 37.59 1.09
CA THR B 296 39.35 38.56 0.28
C THR B 296 38.37 39.54 -0.34
N GLU B 297 38.86 40.45 -1.16
CA GLU B 297 38.00 41.43 -1.82
C GLU B 297 37.30 40.78 -3.01
N GLU B 298 38.02 39.90 -3.69
CA GLU B 298 37.46 39.17 -4.83
C GLU B 298 36.37 38.21 -4.37
N ALA B 299 36.58 37.60 -3.21
CA ALA B 299 35.62 36.67 -2.64
C ALA B 299 34.34 37.39 -2.23
N GLU B 300 34.49 38.53 -1.56
CA GLU B 300 33.34 39.33 -1.15
C GLU B 300 32.58 39.86 -2.36
N LEU B 301 33.32 40.31 -3.36
CA LEU B 301 32.71 40.81 -4.59
C LEU B 301 31.91 39.70 -5.28
N GLU B 302 32.54 38.54 -5.45
CA GLU B 302 31.91 37.39 -6.07
C GLU B 302 30.65 36.96 -5.32
N LEU B 303 30.75 36.95 -4.00
CA LEU B 303 29.63 36.59 -3.14
C LEU B 303 28.47 37.56 -3.34
N ALA B 304 28.80 38.85 -3.38
CA ALA B 304 27.79 39.89 -3.58
C ALA B 304 27.12 39.75 -4.95
N GLU B 305 27.92 39.51 -5.98
CA GLU B 305 27.40 39.29 -7.32
C GLU B 305 26.43 38.11 -7.34
N ASN B 306 26.80 37.05 -6.63
CA ASN B 306 25.94 35.89 -6.49
C ASN B 306 24.63 36.24 -5.80
N ARG B 307 24.70 37.07 -4.75
CA ARG B 307 23.51 37.55 -4.06
C ARG B 307 22.57 38.28 -5.02
N GLU B 308 23.15 39.22 -5.78
CA GLU B 308 22.38 39.99 -6.74
C GLU B 308 21.73 39.09 -7.79
N ILE B 309 22.44 38.05 -8.19
CA ILE B 309 21.89 37.09 -9.14
C ILE B 309 20.72 36.31 -8.53
N LEU B 310 20.87 35.92 -7.27
CA LEU B 310 19.84 35.14 -6.59
C LEU B 310 18.60 35.97 -6.27
N LYS B 311 18.75 37.29 -6.20
CA LYS B 311 17.62 38.18 -5.94
C LYS B 311 16.65 38.22 -7.12
N GLU B 312 17.16 37.90 -8.31
CA GLU B 312 16.34 37.83 -9.52
C GLU B 312 15.49 36.56 -9.52
N PRO B 313 14.35 36.59 -10.23
CA PRO B 313 13.56 35.37 -10.41
C PRO B 313 14.26 34.38 -11.34
N VAL B 314 13.64 33.23 -11.56
CA VAL B 314 14.23 32.21 -12.43
C VAL B 314 13.88 32.49 -13.89
N HIS B 315 14.84 32.27 -14.78
CA HIS B 315 14.68 32.61 -16.19
C HIS B 315 13.82 31.61 -16.96
N GLY B 316 12.78 32.11 -17.61
CA GLY B 316 11.93 31.31 -18.47
C GLY B 316 11.20 30.17 -17.77
N VAL B 317 10.46 30.49 -16.73
CA VAL B 317 9.67 29.49 -16.02
C VAL B 317 8.19 29.62 -16.37
N TYR B 318 7.67 28.62 -17.07
CA TYR B 318 6.30 28.64 -17.54
C TYR B 318 5.50 27.45 -17.04
N TYR B 319 4.18 27.58 -17.05
CA TYR B 319 3.31 26.47 -16.69
C TYR B 319 2.69 25.84 -17.93
N ASP B 320 2.82 24.53 -18.05
CA ASP B 320 2.24 23.78 -19.17
C ASP B 320 1.07 22.94 -18.69
N PRO B 321 -0.15 23.31 -19.09
CA PRO B 321 -1.37 22.62 -18.69
C PRO B 321 -1.41 21.16 -19.13
N SER B 322 -0.61 20.82 -20.14
CA SER B 322 -0.56 19.45 -20.66
C SER B 322 0.31 18.54 -19.79
N LYS B 323 1.44 19.07 -19.32
CA LYS B 323 2.39 18.28 -18.54
C LYS B 323 1.88 17.98 -17.13
N ASP B 324 2.68 17.24 -16.37
CA ASP B 324 2.32 16.85 -15.01
C ASP B 324 3.01 17.72 -13.97
N LEU B 325 2.30 18.00 -12.88
CA LEU B 325 2.88 18.70 -11.75
C LEU B 325 3.55 17.72 -10.80
N ILE B 326 4.77 18.05 -10.40
CA ILE B 326 5.56 17.21 -9.50
C ILE B 326 5.82 17.93 -8.19
N ALA B 327 5.44 17.30 -7.08
CA ALA B 327 5.68 17.86 -5.76
C ALA B 327 6.69 17.03 -4.98
N GLU B 328 7.80 17.65 -4.61
CA GLU B 328 8.80 16.97 -3.78
C GLU B 328 8.78 17.52 -2.36
N ILE B 329 8.83 16.62 -1.38
CA ILE B 329 8.80 16.98 0.03
C ILE B 329 10.04 16.46 0.74
N GLN B 330 10.66 17.30 1.56
CA GLN B 330 11.79 16.88 2.37
C GLN B 330 11.53 17.13 3.85
N LYS B 331 11.89 16.15 4.66
CA LYS B 331 11.77 16.24 6.11
C LYS B 331 12.96 16.99 6.71
N GLN B 332 12.68 18.09 7.39
CA GLN B 332 13.72 18.92 7.97
C GLN B 332 13.88 18.66 9.47
N GLY B 333 12.94 17.92 10.04
CA GLY B 333 12.96 17.64 11.47
C GLY B 333 12.37 18.77 12.30
N GLN B 334 12.02 18.44 13.54
CA GLN B 334 11.41 19.39 14.47
C GLN B 334 10.13 19.99 13.90
N GLY B 335 9.35 19.16 13.20
CA GLY B 335 8.09 19.60 12.63
C GLY B 335 8.24 20.38 11.33
N GLN B 336 9.48 20.62 10.94
CA GLN B 336 9.75 21.39 9.72
C GLN B 336 9.74 20.50 8.48
N TRP B 337 9.04 20.94 7.44
CA TRP B 337 9.00 20.23 6.17
C TRP B 337 9.14 21.23 5.03
N THR B 338 9.91 20.89 4.01
CA THR B 338 10.03 21.78 2.86
C THR B 338 9.46 21.12 1.61
N TYR B 339 9.03 21.92 0.64
CA TYR B 339 8.50 21.35 -0.59
C TYR B 339 8.69 22.22 -1.82
N GLN B 340 8.68 21.56 -2.98
CA GLN B 340 8.81 22.23 -4.27
C GLN B 340 7.88 21.62 -5.30
N ILE B 341 7.09 22.47 -5.95
CA ILE B 341 6.23 22.06 -7.06
C ILE B 341 6.82 22.57 -8.37
N TYR B 342 7.12 21.65 -9.27
CA TYR B 342 7.73 21.97 -10.56
C TYR B 342 7.25 21.03 -11.66
N GLN B 343 7.66 21.30 -12.90
CA GLN B 343 7.33 20.42 -14.03
C GLN B 343 8.58 19.91 -14.70
N GLU B 344 9.59 20.76 -14.77
CA GLU B 344 10.91 20.37 -15.24
C GLU B 344 11.92 20.61 -14.13
N PRO B 345 12.93 19.73 -14.02
CA PRO B 345 13.97 19.85 -12.99
C PRO B 345 14.63 21.23 -12.99
N PHE B 346 14.85 21.76 -11.79
CA PHE B 346 15.45 23.08 -11.59
C PHE B 346 14.61 24.21 -12.17
N LYS B 347 13.31 23.99 -12.28
CA LYS B 347 12.38 25.02 -12.74
C LYS B 347 11.13 25.02 -11.86
N ASN B 348 11.26 25.58 -10.67
CA ASN B 348 10.18 25.51 -9.68
C ASN B 348 9.03 26.47 -9.95
N LEU B 349 7.84 25.91 -10.09
CA LEU B 349 6.64 26.73 -10.23
C LEU B 349 6.26 27.33 -8.88
N LYS B 350 6.60 26.62 -7.80
CA LYS B 350 6.36 27.12 -6.46
C LYS B 350 7.25 26.40 -5.44
N THR B 351 7.66 27.10 -4.39
CA THR B 351 8.38 26.46 -3.30
C THR B 351 7.81 26.95 -1.96
N GLY B 352 7.80 26.08 -0.97
CA GLY B 352 7.24 26.46 0.31
C GLY B 352 7.75 25.67 1.50
N LYS B 353 7.36 26.12 2.70
CA LYS B 353 7.70 25.44 3.93
C LYS B 353 6.42 25.10 4.69
N TYR B 354 6.55 24.26 5.70
CA TYR B 354 5.41 23.79 6.48
C TYR B 354 5.89 23.36 7.86
N ALA B 355 5.54 24.15 8.88
CA ALA B 355 5.97 23.87 10.24
C ALA B 355 4.76 23.78 11.18
N ARG B 356 3.57 23.76 10.60
CA ARG B 356 2.33 23.74 11.37
C ARG B 356 2.26 22.54 12.30
N MET B 357 2.07 22.81 13.59
CA MET B 357 1.96 21.74 14.58
C MET B 357 0.58 21.70 15.21
N ARG B 358 -0.21 20.68 14.86
CA ARG B 358 -1.40 20.36 15.62
C ARG B 358 -1.39 18.88 15.99
N GLY B 359 -1.16 18.59 17.26
CA GLY B 359 -1.22 17.24 17.79
C GLY B 359 -0.35 16.22 17.07
N ALA B 360 0.53 16.70 16.19
CA ALA B 360 1.33 15.82 15.35
C ALA B 360 2.76 15.63 15.85
N HIS B 361 3.08 16.25 16.99
CA HIS B 361 4.45 16.36 17.47
C HIS B 361 5.23 15.05 17.49
N THR B 362 4.55 13.97 17.88
CA THR B 362 5.20 12.67 18.05
C THR B 362 5.09 11.74 16.83
N ASN B 363 4.45 12.21 15.76
CA ASN B 363 4.16 11.33 14.62
C ASN B 363 4.56 11.91 13.26
N ASP B 364 5.59 11.32 12.64
CA ASP B 364 6.07 11.77 11.34
C ASP B 364 5.03 11.61 10.22
N VAL B 365 4.37 10.46 10.18
CA VAL B 365 3.45 10.13 9.10
C VAL B 365 2.23 11.03 9.09
N LYS B 366 1.70 11.36 10.26
CA LYS B 366 0.59 12.29 10.36
C LYS B 366 0.99 13.63 9.77
N GLN B 367 2.17 14.09 10.15
CA GLN B 367 2.73 15.34 9.65
C GLN B 367 2.82 15.32 8.13
N LEU B 368 3.38 14.25 7.58
CA LEU B 368 3.53 14.14 6.13
C LEU B 368 2.18 14.13 5.43
N THR B 369 1.19 13.50 6.05
CA THR B 369 -0.16 13.43 5.48
C THR B 369 -0.82 14.81 5.42
N GLU B 370 -0.76 15.54 6.53
CA GLU B 370 -1.27 16.90 6.56
C GLU B 370 -0.55 17.80 5.56
N ALA B 371 0.77 17.61 5.45
CA ALA B 371 1.58 18.40 4.53
C ALA B 371 1.20 18.12 3.07
N VAL B 372 1.01 16.86 2.74
CA VAL B 372 0.61 16.46 1.40
C VAL B 372 -0.76 17.05 1.08
N GLN B 373 -1.64 17.03 2.08
CA GLN B 373 -2.98 17.63 1.90
C GLN B 373 -2.89 19.12 1.60
N LYS B 374 -2.18 19.88 2.45
CA LYS B 374 -2.02 21.32 2.24
C LYS B 374 -1.42 21.65 0.88
N ILE B 375 -0.36 20.94 0.51
CA ILE B 375 0.28 21.16 -0.78
C ILE B 375 -0.68 20.89 -1.94
N THR B 376 -1.44 19.80 -1.84
CA THR B 376 -2.43 19.47 -2.85
C THR B 376 -3.50 20.54 -2.98
N THR B 377 -3.96 21.07 -1.85
CA THR B 377 -4.95 22.14 -1.84
C THR B 377 -4.42 23.39 -2.55
N GLU B 378 -3.23 23.82 -2.15
CA GLU B 378 -2.58 24.96 -2.80
C GLU B 378 -2.48 24.75 -4.31
N SER B 379 -2.11 23.54 -4.70
CA SER B 379 -2.00 23.20 -6.12
C SER B 379 -3.34 23.29 -6.83
N ILE B 380 -4.40 22.87 -6.14
CA ILE B 380 -5.76 22.94 -6.67
C ILE B 380 -6.15 24.40 -6.90
N VAL B 381 -5.77 25.25 -5.96
CA VAL B 381 -6.09 26.68 -6.07
C VAL B 381 -5.33 27.34 -7.21
N ILE B 382 -4.04 27.04 -7.33
CA ILE B 382 -3.19 27.72 -8.30
C ILE B 382 -3.39 27.23 -9.74
N TRP B 383 -3.46 25.91 -9.93
CA TRP B 383 -3.49 25.37 -11.30
C TRP B 383 -4.77 24.62 -11.64
N GLY B 384 -5.61 24.36 -10.64
CA GLY B 384 -6.86 23.67 -10.86
C GLY B 384 -6.69 22.16 -11.00
N LYS B 385 -5.55 21.63 -10.57
CA LYS B 385 -5.34 20.20 -10.59
C LYS B 385 -4.28 19.78 -9.56
N THR B 386 -4.31 18.50 -9.17
CA THR B 386 -3.41 17.97 -8.15
C THR B 386 -2.09 17.48 -8.75
N PRO B 387 -0.99 17.59 -8.00
CA PRO B 387 0.32 17.16 -8.48
C PRO B 387 0.65 15.71 -8.12
N LYS B 388 1.72 15.19 -8.70
CA LYS B 388 2.23 13.87 -8.35
C LYS B 388 3.34 14.00 -7.31
N PHE B 389 3.12 13.39 -6.15
CA PHE B 389 4.05 13.54 -5.03
C PHE B 389 5.22 12.56 -5.07
N LYS B 390 6.32 12.97 -4.48
CA LYS B 390 7.47 12.11 -4.25
C LYS B 390 7.79 12.13 -2.76
N LEU B 391 7.26 11.14 -2.04
CA LEU B 391 7.32 11.13 -0.58
C LEU B 391 8.59 10.49 -0.04
N PRO B 392 9.24 11.16 0.92
CA PRO B 392 10.43 10.60 1.58
C PRO B 392 10.03 9.58 2.65
N ILE B 393 9.41 8.50 2.23
CA ILE B 393 8.94 7.47 3.13
C ILE B 393 8.94 6.11 2.42
N GLN B 394 9.15 5.04 3.17
CA GLN B 394 9.04 3.69 2.63
C GLN B 394 7.60 3.42 2.24
N LYS B 395 7.41 2.71 1.13
CA LYS B 395 6.07 2.42 0.61
C LYS B 395 5.19 1.72 1.65
N GLU B 396 5.75 0.74 2.35
CA GLU B 396 5.00 -0.07 3.29
C GLU B 396 4.40 0.75 4.43
N THR B 397 5.21 1.62 5.01
CA THR B 397 4.78 2.48 6.11
C THR B 397 3.59 3.37 5.68
N TRP B 398 3.82 4.14 4.62
CA TRP B 398 2.81 5.03 4.08
C TRP B 398 1.52 4.29 3.75
N GLU B 399 1.65 3.20 3.00
CA GLU B 399 0.49 2.41 2.59
C GLU B 399 -0.27 1.87 3.80
N THR B 400 0.45 1.58 4.88
CA THR B 400 -0.20 1.09 6.09
C THR B 400 -0.96 2.19 6.84
N TRP B 401 -0.37 3.38 6.97
CA TRP B 401 -0.93 4.35 7.92
C TRP B 401 -1.58 5.65 7.39
N TRP B 402 -1.52 5.89 6.08
CA TRP B 402 -1.91 7.22 5.58
C TRP B 402 -3.42 7.49 5.69
N THR B 403 -4.23 6.44 5.69
CA THR B 403 -5.68 6.61 5.70
C THR B 403 -6.23 6.99 7.08
N GLU B 404 -5.38 6.92 8.10
CA GLU B 404 -5.81 7.25 9.46
C GLU B 404 -5.88 8.75 9.68
N TYR B 405 -4.94 9.46 9.06
CA TYR B 405 -4.83 10.91 9.23
C TYR B 405 -5.44 11.72 8.08
N TRP B 406 -6.06 11.05 7.11
CA TRP B 406 -6.50 11.71 5.88
C TRP B 406 -7.92 12.28 5.98
N GLN B 407 -8.03 13.60 5.95
CA GLN B 407 -9.32 14.28 6.05
C GLN B 407 -9.89 14.78 4.71
N ALA B 408 -9.17 14.59 3.61
CA ALA B 408 -9.54 15.18 2.32
C ALA B 408 -10.41 14.28 1.45
N THR B 409 -11.38 14.89 0.76
CA THR B 409 -12.32 14.14 -0.07
C THR B 409 -11.69 13.61 -1.36
N TRP B 410 -10.64 14.27 -1.83
CA TRP B 410 -9.91 13.78 -3.00
C TRP B 410 -8.66 13.02 -2.58
N ILE B 411 -7.98 12.42 -3.54
CA ILE B 411 -6.71 11.76 -3.31
C ILE B 411 -5.75 12.04 -4.47
N PRO B 412 -4.47 12.31 -4.17
CA PRO B 412 -3.48 12.52 -5.22
C PRO B 412 -2.71 11.25 -5.55
N GLU B 413 -1.81 11.34 -6.54
CA GLU B 413 -0.93 10.23 -6.87
C GLU B 413 0.42 10.44 -6.21
N TRP B 414 1.11 9.35 -5.87
CA TRP B 414 2.40 9.47 -5.21
C TRP B 414 3.37 8.34 -5.55
N GLU B 415 4.65 8.62 -5.35
CA GLU B 415 5.72 7.63 -5.49
C GLU B 415 6.69 7.82 -4.32
N PHE B 416 7.67 6.93 -4.20
CA PHE B 416 8.51 6.91 -3.01
C PHE B 416 10.00 7.03 -3.33
N VAL B 417 10.67 7.99 -2.72
CA VAL B 417 12.10 8.19 -2.91
C VAL B 417 12.90 7.51 -1.79
N ASN B 418 13.65 6.48 -2.16
CA ASN B 418 14.39 5.68 -1.18
C ASN B 418 15.83 6.16 -0.95
N THR B 419 16.29 7.09 -1.79
CA THR B 419 17.65 7.61 -1.66
C THR B 419 17.64 9.02 -1.10
N PRO B 420 18.38 9.23 0.01
CA PRO B 420 18.41 10.54 0.66
C PRO B 420 18.96 11.64 -0.24
N PRO B 421 18.21 12.75 -0.37
CA PRO B 421 18.67 13.90 -1.16
C PRO B 421 19.74 14.70 -0.44
N LEU B 422 20.82 15.02 -1.16
CA LEU B 422 21.90 15.82 -0.61
C LEU B 422 21.46 17.27 -0.44
N VAL B 423 20.44 17.64 -1.19
CA VAL B 423 20.00 19.04 -1.27
C VAL B 423 19.12 19.49 -0.10
N LYS B 424 18.88 18.60 0.86
CA LYS B 424 18.00 18.88 1.99
C LYS B 424 18.30 20.22 2.68
N LEU B 425 19.48 20.32 3.27
CA LEU B 425 19.90 21.55 3.97
C LEU B 425 19.99 22.77 3.05
N TRP B 426 20.05 22.54 1.74
CA TRP B 426 20.07 23.65 0.78
C TRP B 426 18.70 24.31 0.63
N TYR B 427 17.66 23.58 1.03
CA TYR B 427 16.31 24.13 1.10
C TYR B 427 15.96 24.50 2.54
N GLN B 428 16.91 24.33 3.44
CA GLN B 428 16.74 24.73 4.83
C GLN B 428 17.39 26.09 5.09
C1 M9A C . -15.07 -25.72 10.42
N1 M9A C . -14.27 -22.67 17.72
O1 M9A C . -15.76 -21.08 16.07
C2 M9A C . -15.80 -25.76 11.65
N2 M9A C . -15.32 -24.32 19.00
O2 M9A C . -15.50 -26.46 18.34
C3 M9A C . -16.05 -24.61 12.35
O3 M9A C . -15.23 -22.22 19.78
C4 M9A C . -15.54 -23.35 11.86
C5 M9A C . -15.78 -22.15 12.58
C6 M9A C . -17.26 -21.17 14.27
C7 M9A C . -18.38 -20.71 13.53
C8 M9A C . -19.12 -19.61 14.02
C9 M9A C . -18.75 -18.96 15.21
C10 M9A C . -17.62 -19.42 15.94
C11 M9A C . -16.87 -20.54 15.47
C12 M9A C . -14.90 -20.34 16.93
C13 M9A C . -13.78 -21.31 17.40
C14 M9A C . -14.01 -23.65 16.73
C15 M9A C . -14.40 -24.93 16.89
C16 M9A C . -15.11 -25.32 18.11
C17 M9A C . -14.95 -23.02 18.88
C18 M9A C . -15.30 -20.93 12.10
C19 M9A C . -14.58 -20.90 10.90
C20 M9A C . -14.34 -22.07 10.18
C21 M9A C . -14.83 -23.30 10.66
C22 M9A C . -14.59 -24.52 9.93
N M9A C . -14.64 -27.99 9.08
C M9A C . -14.82 -27.02 9.65
O M9A C . -16.53 -22.24 13.82
F M9A C . -14.11 -19.72 10.45
MG MG D . 36.83 11.75 -5.54
#